data_4RLQ
#
_entry.id   4RLQ
#
_cell.length_a   58.659
_cell.length_b   94.808
_cell.length_c   95.346
_cell.angle_alpha   90.00
_cell.angle_beta   104.92
_cell.angle_gamma   90.00
#
_symmetry.space_group_name_H-M   'P 1 21 1'
#
loop_
_entity.id
_entity.type
_entity.pdbx_description
1 polymer 'Benzoate-coenzyme A ligase'
2 non-polymer '2-methylbenzoic acid'
3 non-polymer GLYCEROL
4 water water
#
_entity_poly.entity_id   1
_entity_poly.type   'polypeptide(L)'
_entity_poly.pdbx_seq_one_letter_code
;VTPPPEKFNFAEHLLQTNRVRPDKTAFVDDISSLSFAQLEAQTRQLAAALRAIGVKREERVLLLMLDGTDWPVAFLGAIY
AGIVPVAVNTLLTADDYAYMLEHSRAQAVLVSGALHPVLKAALTKSDHEVQRVIVSRPAAPLEPGEVDFAEFVGAHAPLE
KPAATQADDPAFWLYSSGSTGRPKGVVHTHANPYWTSELYGRNTLHLREDDVCFSAAKLFFAYGLGNALTFPMTVGATTL
LMGERPTPDAVFKRWLGGVGGVKPTVFYGAPTGYAGMLAAPNLPSRDQVALRLASSAGEALPAEIGQRFQRHFGLDIVDG
IGSTEMLHIFLSNLPDRVRYGTTGWPVPGYQIELRGDGGGPVADGEPGDLYIHGPSSATMYWGNRAKSRDTFQGGWTKSG
DKYVRNDDGSYTYAGRTDDMLKVSGIYVSPFEIEATLVQHPGVLEAAVVGVADEHGLTKPKAYVVPRPGQTLSETELKTF
IKDRLAPYKYPRSTVFVAELPKTATGKIQRFKLREGVLG
;
_entity_poly.pdbx_strand_id   A,B
#
# COMPACT_ATOMS: atom_id res chain seq x y z
N VAL A 1 -17.79 -37.01 -18.14
CA VAL A 1 -16.44 -36.47 -18.49
C VAL A 1 -15.35 -37.30 -17.86
N THR A 2 -14.36 -37.65 -18.67
CA THR A 2 -13.26 -38.53 -18.19
C THR A 2 -12.28 -37.64 -17.42
N PRO A 3 -11.84 -38.09 -16.26
CA PRO A 3 -10.88 -37.26 -15.54
C PRO A 3 -9.62 -37.12 -16.30
N PRO A 4 -8.87 -36.05 -16.02
CA PRO A 4 -7.61 -35.87 -16.73
C PRO A 4 -6.62 -36.93 -16.15
N PRO A 5 -5.60 -37.30 -16.91
CA PRO A 5 -4.61 -38.25 -16.35
C PRO A 5 -3.85 -37.65 -15.18
N GLU A 6 -3.20 -38.49 -14.39
CA GLU A 6 -2.44 -37.95 -13.24
C GLU A 6 -1.23 -37.15 -13.58
N LYS A 7 -0.59 -37.51 -14.67
CA LYS A 7 0.47 -36.74 -15.24
C LYS A 7 -0.21 -35.88 -16.31
N PHE A 8 -0.25 -34.58 -16.06
CA PHE A 8 -1.06 -33.64 -16.88
C PHE A 8 -0.49 -32.28 -16.74
N ASN A 9 -0.16 -31.64 -17.87
CA ASN A 9 0.26 -30.25 -17.92
C ASN A 9 -0.84 -29.58 -18.77
N PHE A 10 -1.52 -28.63 -18.16
CA PHE A 10 -2.72 -28.05 -18.80
C PHE A 10 -2.36 -27.31 -20.09
N ALA A 11 -1.25 -26.62 -20.11
CA ALA A 11 -0.82 -25.92 -21.30
C ALA A 11 -0.58 -26.94 -22.49
N GLU A 12 0.16 -28.00 -22.17
CA GLU A 12 0.35 -29.06 -23.15
C GLU A 12 -0.96 -29.61 -23.63
N HIS A 13 -1.90 -29.80 -22.73
CA HIS A 13 -3.23 -30.29 -23.09
C HIS A 13 -3.91 -29.39 -24.10
N LEU A 14 -3.92 -28.09 -23.85
CA LEU A 14 -4.54 -27.18 -24.83
C LEU A 14 -3.77 -27.12 -26.12
N LEU A 15 -2.45 -27.21 -26.07
CA LEU A 15 -1.69 -27.19 -27.33
C LEU A 15 -1.95 -28.46 -28.16
N GLN A 16 -1.99 -29.59 -27.49
CA GLN A 16 -2.16 -30.87 -28.19
C GLN A 16 -3.55 -30.90 -28.81
N THR A 17 -4.56 -30.41 -28.10
CA THR A 17 -5.92 -30.33 -28.62
C THR A 17 -6.02 -29.69 -30.01
N ASN A 18 -5.19 -28.68 -30.23
CA ASN A 18 -5.23 -27.85 -31.42
C ASN A 18 -4.21 -28.14 -32.48
N ARG A 19 -3.45 -29.21 -32.31
CA ARG A 19 -2.53 -29.66 -33.33
C ARG A 19 -3.28 -30.11 -34.64
N VAL A 20 -4.56 -30.38 -34.54
CA VAL A 20 -5.39 -30.67 -35.73
C VAL A 20 -5.75 -29.44 -36.52
N ARG A 21 -5.56 -28.23 -35.97
CA ARG A 21 -6.01 -27.01 -36.62
C ARG A 21 -4.97 -25.91 -36.58
N PRO A 22 -3.75 -26.23 -37.07
CA PRO A 22 -2.65 -25.32 -36.92
C PRO A 22 -2.89 -23.97 -37.52
N ASP A 23 -3.64 -23.89 -38.63
CA ASP A 23 -3.75 -22.62 -39.34
C ASP A 23 -5.04 -21.84 -39.02
N LYS A 24 -5.87 -22.36 -38.15
CA LYS A 24 -7.03 -21.64 -37.72
C LYS A 24 -6.57 -20.52 -36.80
N THR A 25 -7.25 -19.38 -36.83
CA THR A 25 -6.95 -18.31 -35.86
C THR A 25 -7.36 -18.70 -34.45
N ALA A 26 -6.40 -18.61 -33.53
CA ALA A 26 -6.62 -18.88 -32.14
C ALA A 26 -7.07 -17.58 -31.42
N PHE A 27 -6.30 -16.50 -31.66
CA PHE A 27 -6.57 -15.20 -30.99
C PHE A 27 -6.35 -14.09 -31.95
N VAL A 28 -7.21 -13.11 -31.87
CA VAL A 28 -7.04 -11.89 -32.62
C VAL A 28 -7.42 -10.68 -31.78
N ASP A 29 -6.64 -9.61 -31.88
CA ASP A 29 -6.93 -8.37 -31.21
C ASP A 29 -6.82 -7.20 -32.22
N ASP A 30 -6.75 -5.97 -31.72
CA ASP A 30 -6.86 -4.82 -32.64
C ASP A 30 -5.69 -4.74 -33.58
N ILE A 31 -4.55 -5.30 -33.20
CA ILE A 31 -3.32 -5.12 -33.96
C ILE A 31 -2.59 -6.40 -34.38
N SER A 32 -3.07 -7.58 -33.97
CA SER A 32 -2.32 -8.79 -34.18
C SER A 32 -3.25 -9.99 -34.22
N SER A 33 -2.74 -11.09 -34.73
CA SER A 33 -3.41 -12.38 -34.68
C SER A 33 -2.41 -13.50 -34.52
N LEU A 34 -2.85 -14.60 -33.91
CA LEU A 34 -2.08 -15.84 -33.77
C LEU A 34 -2.91 -16.97 -34.21
N SER A 35 -2.41 -17.77 -35.18
CA SER A 35 -2.97 -19.04 -35.44
C SER A 35 -2.62 -20.00 -34.32
N PHE A 36 -3.32 -21.12 -34.26
CA PHE A 36 -3.00 -22.12 -33.21
C PHE A 36 -1.50 -22.53 -33.28
N ALA A 37 -0.96 -22.66 -34.51
CA ALA A 37 0.47 -22.99 -34.64
C ALA A 37 1.37 -21.88 -34.15
N GLN A 38 1.03 -20.66 -34.52
CA GLN A 38 1.78 -19.50 -34.02
C GLN A 38 1.73 -19.36 -32.48
N LEU A 39 0.56 -19.63 -31.89
CA LEU A 39 0.40 -19.55 -30.46
C LEU A 39 1.25 -20.62 -29.82
N GLU A 40 1.23 -21.85 -30.38
CA GLU A 40 2.09 -22.91 -29.87
C GLU A 40 3.56 -22.52 -29.87
N ALA A 41 4.03 -22.01 -31.00
CA ALA A 41 5.44 -21.65 -31.10
C ALA A 41 5.77 -20.58 -30.03
N GLN A 42 4.96 -19.54 -29.98
CA GLN A 42 5.32 -18.40 -29.09
C GLN A 42 5.23 -18.83 -27.65
N THR A 43 4.21 -19.63 -27.30
CA THR A 43 4.07 -20.21 -25.98
C THR A 43 5.31 -20.96 -25.50
N ARG A 44 5.80 -21.85 -26.35
CA ARG A 44 6.91 -22.66 -26.01
C ARG A 44 8.23 -21.89 -26.02
N GLN A 45 8.33 -20.86 -26.87
CA GLN A 45 9.51 -19.95 -26.83
C GLN A 45 9.54 -19.13 -25.54
N LEU A 46 8.34 -18.64 -25.14
CA LEU A 46 8.25 -17.94 -23.82
C LEU A 46 8.66 -18.89 -22.71
N ALA A 47 8.17 -20.12 -22.72
CA ALA A 47 8.48 -21.05 -21.67
C ALA A 47 10.02 -21.17 -21.58
N ALA A 48 10.67 -21.33 -22.74
CA ALA A 48 12.14 -21.41 -22.74
C ALA A 48 12.76 -20.17 -22.21
N ALA A 49 12.23 -19.02 -22.58
CA ALA A 49 12.79 -17.74 -22.19
C ALA A 49 12.77 -17.57 -20.66
N LEU A 50 11.66 -17.97 -20.03
CA LEU A 50 11.53 -17.83 -18.57
C LEU A 50 12.51 -18.79 -17.88
N ARG A 51 12.68 -19.97 -18.44
CA ARG A 51 13.64 -20.91 -17.87
C ARG A 51 15.08 -20.39 -18.02
N ALA A 52 15.35 -19.77 -19.17
CA ALA A 52 16.73 -19.30 -19.48
C ALA A 52 17.14 -18.22 -18.51
N ILE A 53 16.20 -17.41 -18.06
CA ILE A 53 16.56 -16.38 -17.06
C ILE A 53 16.55 -16.91 -15.63
N GLY A 54 16.41 -18.19 -15.43
CA GLY A 54 16.51 -18.79 -14.12
C GLY A 54 15.26 -19.07 -13.33
N VAL A 55 14.08 -18.85 -13.91
CA VAL A 55 12.87 -19.14 -13.14
C VAL A 55 12.66 -20.61 -13.16
N LYS A 56 12.40 -21.17 -12.00
CA LYS A 56 12.35 -22.61 -11.83
C LYS A 56 10.92 -23.07 -11.76
N ARG A 57 10.73 -24.36 -11.97
CA ARG A 57 9.48 -24.99 -11.70
C ARG A 57 8.96 -24.67 -10.31
N GLU A 58 7.67 -24.38 -10.27
CA GLU A 58 6.89 -24.04 -9.08
C GLU A 58 7.02 -22.60 -8.62
N GLU A 59 8.02 -21.88 -9.14
CA GLU A 59 8.15 -20.44 -8.83
C GLU A 59 7.02 -19.67 -9.53
N ARG A 60 6.66 -18.53 -8.99
CA ARG A 60 5.64 -17.63 -9.55
C ARG A 60 6.21 -16.56 -10.43
N VAL A 61 5.41 -16.13 -11.43
CA VAL A 61 5.64 -14.92 -12.15
C VAL A 61 4.32 -14.11 -12.19
N LEU A 62 4.43 -12.79 -12.13
CA LEU A 62 3.28 -11.92 -12.12
C LEU A 62 2.91 -11.63 -13.54
N LEU A 63 1.64 -11.81 -13.86
CA LEU A 63 1.11 -11.56 -15.21
C LEU A 63 0.08 -10.41 -15.09
N LEU A 64 0.54 -9.23 -15.52
CA LEU A 64 -0.19 -7.98 -15.35
C LEU A 64 -0.36 -7.34 -16.74
N MET A 65 -1.35 -7.81 -17.47
CA MET A 65 -1.44 -7.51 -18.90
C MET A 65 -2.85 -7.26 -19.34
N LEU A 66 -3.01 -6.27 -20.19
CA LEU A 66 -4.27 -6.08 -20.95
C LEU A 66 -4.60 -7.30 -21.81
N ASP A 67 -5.88 -7.49 -22.07
CA ASP A 67 -6.34 -8.48 -23.05
C ASP A 67 -5.75 -8.18 -24.41
N GLY A 68 -5.07 -9.18 -24.96
CA GLY A 68 -4.38 -9.10 -26.24
C GLY A 68 -3.76 -10.42 -26.53
N THR A 69 -3.24 -10.58 -27.75
CA THR A 69 -2.70 -11.86 -28.14
C THR A 69 -1.49 -12.34 -27.33
N ASP A 70 -0.72 -11.43 -26.71
CA ASP A 70 0.40 -11.80 -25.87
C ASP A 70 -0.06 -12.41 -24.55
N TRP A 71 -1.31 -12.13 -24.14
CA TRP A 71 -1.81 -12.67 -22.83
C TRP A 71 -1.83 -14.19 -22.73
N PRO A 72 -2.49 -14.91 -23.67
CA PRO A 72 -2.42 -16.37 -23.60
C PRO A 72 -1.01 -16.94 -23.81
N VAL A 73 -0.17 -16.25 -24.57
CA VAL A 73 1.25 -16.68 -24.67
C VAL A 73 1.96 -16.67 -23.32
N ALA A 74 1.74 -15.57 -22.58
CA ALA A 74 2.32 -15.43 -21.27
C ALA A 74 1.81 -16.50 -20.34
N PHE A 75 0.49 -16.62 -20.32
CA PHE A 75 -0.18 -17.56 -19.38
C PHE A 75 0.20 -19.01 -19.68
N LEU A 76 -0.02 -19.43 -20.91
CA LEU A 76 0.31 -20.82 -21.24
C LEU A 76 1.82 -21.08 -21.29
N GLY A 77 2.62 -20.08 -21.59
CA GLY A 77 4.03 -20.33 -21.69
C GLY A 77 4.63 -20.58 -20.33
N ALA A 78 4.19 -19.84 -19.34
CA ALA A 78 4.60 -20.11 -17.97
C ALA A 78 4.19 -21.53 -17.60
N ILE A 79 2.90 -21.88 -17.81
CA ILE A 79 2.35 -23.15 -17.37
C ILE A 79 3.06 -24.32 -18.11
N TYR A 80 3.39 -24.12 -19.37
CA TYR A 80 4.11 -25.16 -20.14
C TYR A 80 5.48 -25.42 -19.45
N ALA A 81 6.13 -24.37 -18.97
CA ALA A 81 7.41 -24.50 -18.24
C ALA A 81 7.28 -25.05 -16.83
N GLY A 82 6.07 -25.21 -16.31
CA GLY A 82 5.84 -25.54 -14.94
C GLY A 82 6.07 -24.41 -13.92
N ILE A 83 6.01 -23.21 -14.45
CA ILE A 83 6.11 -21.94 -13.72
C ILE A 83 4.66 -21.47 -13.51
N VAL A 84 4.41 -20.83 -12.38
CA VAL A 84 3.05 -20.53 -11.92
C VAL A 84 2.75 -19.04 -12.18
N PRO A 85 2.02 -18.74 -13.26
CA PRO A 85 1.63 -17.31 -13.48
C PRO A 85 0.51 -16.92 -12.49
N VAL A 86 0.60 -15.71 -12.00
CA VAL A 86 -0.32 -15.08 -11.04
C VAL A 86 -0.97 -14.00 -11.87
N ALA A 87 -2.16 -14.28 -12.38
CA ALA A 87 -2.85 -13.40 -13.32
C ALA A 87 -3.71 -12.43 -12.57
N VAL A 88 -3.40 -11.16 -12.75
CA VAL A 88 -4.03 -10.15 -11.88
C VAL A 88 -4.76 -9.03 -12.61
N ASN A 89 -5.72 -8.45 -11.90
CA ASN A 89 -6.50 -7.29 -12.32
C ASN A 89 -5.60 -6.15 -12.73
N THR A 90 -5.93 -5.49 -13.83
CA THR A 90 -5.07 -4.43 -14.41
C THR A 90 -5.46 -3.03 -13.92
N LEU A 91 -6.44 -2.95 -13.00
CA LEU A 91 -6.98 -1.61 -12.54
C LEU A 91 -6.66 -1.39 -11.08
N LEU A 92 -5.64 -2.07 -10.56
CA LEU A 92 -5.29 -1.93 -9.13
C LEU A 92 -4.22 -0.86 -8.95
N THR A 93 -3.89 -0.57 -7.69
CA THR A 93 -2.86 0.41 -7.36
C THR A 93 -1.49 -0.20 -7.26
N ALA A 94 -0.48 0.68 -7.28
CA ALA A 94 0.88 0.22 -7.07
C ALA A 94 1.01 -0.50 -5.71
N ASP A 95 0.27 -0.04 -4.72
CA ASP A 95 0.31 -0.74 -3.42
C ASP A 95 -0.21 -2.15 -3.48
N ASP A 96 -1.28 -2.34 -4.23
CA ASP A 96 -1.83 -3.67 -4.40
C ASP A 96 -0.81 -4.59 -5.08
N TYR A 97 -0.18 -4.09 -6.12
CA TYR A 97 0.78 -4.91 -6.83
C TYR A 97 2.05 -5.17 -5.97
N ALA A 98 2.44 -4.20 -5.16
CA ALA A 98 3.59 -4.38 -4.26
C ALA A 98 3.33 -5.53 -3.31
N TYR A 99 2.12 -5.55 -2.75
CA TYR A 99 1.70 -6.66 -1.86
C TYR A 99 1.79 -7.96 -2.67
N MET A 100 1.26 -7.95 -3.89
CA MET A 100 1.25 -9.22 -4.65
C MET A 100 2.64 -9.72 -4.99
N LEU A 101 3.53 -8.79 -5.33
CA LEU A 101 4.91 -9.20 -5.62
C LEU A 101 5.55 -9.87 -4.40
N GLU A 102 5.31 -9.32 -3.23
CA GLU A 102 5.89 -9.87 -2.03
C GLU A 102 5.26 -11.17 -1.63
N HIS A 103 3.95 -11.17 -1.67
CA HIS A 103 3.19 -12.36 -1.22
C HIS A 103 3.44 -13.58 -2.16
N SER A 104 3.51 -13.32 -3.47
CA SER A 104 3.72 -14.38 -4.46
C SER A 104 5.19 -14.76 -4.57
N ARG A 105 6.08 -13.90 -4.08
CA ARG A 105 7.52 -14.01 -4.33
C ARG A 105 7.77 -14.18 -5.83
N ALA A 106 7.03 -13.41 -6.63
CA ALA A 106 7.20 -13.46 -8.06
C ALA A 106 8.68 -13.24 -8.50
N GLN A 107 9.16 -14.08 -9.44
CA GLN A 107 10.56 -14.04 -9.87
C GLN A 107 10.72 -13.25 -11.11
N ALA A 108 9.60 -12.99 -11.80
CA ALA A 108 9.65 -12.17 -13.01
C ALA A 108 8.25 -11.55 -13.16
N VAL A 109 8.16 -10.51 -13.98
CA VAL A 109 6.87 -9.89 -14.23
C VAL A 109 6.71 -9.75 -15.74
N LEU A 110 5.55 -10.12 -16.21
CA LEU A 110 5.11 -9.94 -17.63
C LEU A 110 4.06 -8.85 -17.59
N VAL A 111 4.35 -7.70 -18.19
CA VAL A 111 3.53 -6.54 -18.01
C VAL A 111 3.27 -5.81 -19.34
N SER A 112 2.05 -5.34 -19.52
CA SER A 112 1.71 -4.45 -20.67
C SER A 112 2.40 -3.11 -20.49
N GLY A 113 2.86 -2.56 -21.61
CA GLY A 113 3.42 -1.22 -21.60
C GLY A 113 2.57 -0.20 -20.87
N ALA A 114 1.28 -0.15 -21.13
CA ALA A 114 0.36 0.75 -20.45
C ALA A 114 0.32 0.63 -18.90
N LEU A 115 0.74 -0.53 -18.40
CA LEU A 115 0.77 -0.84 -16.97
C LEU A 115 2.14 -0.76 -16.39
N HIS A 116 3.16 -0.42 -17.18
CA HIS A 116 4.50 -0.35 -16.62
C HIS A 116 4.68 0.73 -15.55
N PRO A 117 4.00 1.89 -15.68
CA PRO A 117 4.21 2.91 -14.58
C PRO A 117 3.73 2.44 -13.21
N VAL A 118 2.55 1.86 -13.15
CA VAL A 118 2.08 1.33 -11.85
C VAL A 118 2.96 0.20 -11.33
N LEU A 119 3.49 -0.66 -12.24
CA LEU A 119 4.33 -1.72 -11.86
C LEU A 119 5.65 -1.15 -11.32
N LYS A 120 6.17 -0.11 -12.01
CA LYS A 120 7.43 0.48 -11.60
C LYS A 120 7.31 1.01 -10.16
N ALA A 121 6.22 1.67 -9.87
CA ALA A 121 6.01 2.16 -8.51
C ALA A 121 5.94 0.98 -7.52
N ALA A 122 5.23 -0.08 -7.93
CA ALA A 122 5.20 -1.30 -7.05
C ALA A 122 6.56 -1.91 -6.76
N LEU A 123 7.40 -2.03 -7.80
CA LEU A 123 8.75 -2.50 -7.64
C LEU A 123 9.57 -1.63 -6.73
N THR A 124 9.46 -0.32 -6.90
CA THR A 124 10.28 0.63 -6.16
C THR A 124 10.00 0.57 -4.67
N LYS A 125 8.74 0.31 -4.31
CA LYS A 125 8.34 0.36 -2.92
C LYS A 125 8.48 -0.91 -2.14
N SER A 126 8.60 -2.01 -2.84
CA SER A 126 8.45 -3.35 -2.24
C SER A 126 9.74 -4.10 -2.04
N ASP A 127 9.66 -5.10 -1.14
CA ASP A 127 10.77 -6.00 -0.92
C ASP A 127 10.56 -7.23 -1.82
N HIS A 128 10.65 -7.02 -3.11
CA HIS A 128 10.35 -8.07 -4.08
C HIS A 128 11.54 -8.90 -4.45
N GLU A 129 11.28 -9.95 -5.21
CA GLU A 129 12.35 -10.86 -5.72
C GLU A 129 12.40 -10.93 -7.25
N VAL A 130 11.92 -9.89 -7.92
CA VAL A 130 11.78 -9.87 -9.36
C VAL A 130 13.15 -9.78 -10.04
N GLN A 131 13.48 -10.78 -10.90
CA GLN A 131 14.78 -10.87 -11.60
C GLN A 131 14.72 -10.16 -12.95
N ARG A 132 13.53 -10.07 -13.57
CA ARG A 132 13.38 -9.52 -14.89
C ARG A 132 11.99 -9.01 -15.08
N VAL A 133 11.87 -7.86 -15.72
CA VAL A 133 10.62 -7.29 -16.18
C VAL A 133 10.55 -7.38 -17.73
N ILE A 134 9.49 -8.02 -18.20
CA ILE A 134 9.31 -8.30 -19.62
C ILE A 134 8.09 -7.50 -20.00
N VAL A 135 8.27 -6.57 -20.93
CA VAL A 135 7.25 -5.62 -21.25
C VAL A 135 6.64 -5.92 -22.62
N SER A 136 5.35 -6.23 -22.61
CA SER A 136 4.54 -6.37 -23.84
C SER A 136 4.02 -5.05 -24.30
N ARG A 137 4.45 -4.66 -25.52
CA ARG A 137 4.03 -3.40 -26.15
C ARG A 137 4.43 -2.20 -25.28
N PRO A 138 5.71 -1.99 -25.14
CA PRO A 138 6.15 -0.86 -24.33
C PRO A 138 5.59 0.49 -24.84
N ALA A 139 5.20 1.38 -23.91
CA ALA A 139 4.64 2.70 -24.17
C ALA A 139 5.66 3.80 -23.81
N ALA A 140 6.81 3.39 -23.27
CA ALA A 140 7.91 4.29 -22.91
C ALA A 140 9.21 3.56 -22.99
N PRO A 141 10.33 4.29 -23.04
CA PRO A 141 11.57 3.55 -23.13
C PRO A 141 11.83 2.55 -22.05
N LEU A 142 12.39 1.44 -22.46
CA LEU A 142 12.74 0.35 -21.56
C LEU A 142 13.84 0.83 -20.62
N GLU A 143 13.73 0.45 -19.36
CA GLU A 143 14.77 0.72 -18.43
C GLU A 143 15.82 -0.31 -18.52
N PRO A 144 16.99 0.03 -18.01
CA PRO A 144 18.07 -0.92 -18.08
C PRO A 144 17.74 -2.27 -17.51
N GLY A 145 18.11 -3.32 -18.23
CA GLY A 145 17.79 -4.67 -17.75
C GLY A 145 16.38 -5.22 -18.12
N GLU A 146 15.41 -4.35 -18.45
CA GLU A 146 14.07 -4.73 -18.94
C GLU A 146 14.15 -5.25 -20.38
N VAL A 147 13.18 -6.08 -20.76
CA VAL A 147 13.20 -6.63 -22.11
C VAL A 147 11.83 -6.52 -22.71
N ASP A 148 11.79 -6.24 -24.03
CA ASP A 148 10.57 -6.22 -24.81
C ASP A 148 10.10 -7.70 -24.96
N PHE A 149 8.82 -7.98 -24.72
CA PHE A 149 8.23 -9.31 -24.78
C PHE A 149 8.51 -10.00 -26.13
N ALA A 150 8.38 -9.25 -27.22
CA ALA A 150 8.58 -9.88 -28.56
C ALA A 150 10.05 -10.31 -28.75
N GLU A 151 10.97 -9.48 -28.26
CA GLU A 151 12.42 -9.83 -28.34
C GLU A 151 12.70 -11.02 -27.41
N PHE A 152 12.13 -11.00 -26.20
CA PHE A 152 12.28 -12.09 -25.23
C PHE A 152 11.84 -13.45 -25.80
N VAL A 153 10.66 -13.47 -26.39
CA VAL A 153 10.13 -14.64 -27.02
C VAL A 153 11.00 -15.01 -28.25
N GLY A 154 11.26 -14.03 -29.10
CA GLY A 154 12.01 -14.27 -30.37
C GLY A 154 13.43 -14.77 -30.18
N ALA A 155 14.03 -14.49 -29.03
CA ALA A 155 15.46 -14.80 -28.86
C ALA A 155 15.66 -16.19 -28.32
N HIS A 156 14.60 -16.97 -28.16
CA HIS A 156 14.74 -18.26 -27.51
C HIS A 156 14.07 -19.33 -28.34
N ALA A 157 14.74 -20.47 -28.50
CA ALA A 157 14.15 -21.59 -29.24
C ALA A 157 13.08 -22.18 -28.37
N PRO A 158 12.07 -22.84 -28.99
CA PRO A 158 11.01 -23.42 -28.07
C PRO A 158 11.45 -24.49 -27.17
N LEU A 159 10.89 -24.49 -25.96
CA LEU A 159 11.09 -25.55 -25.04
C LEU A 159 10.60 -26.80 -25.68
N GLU A 160 11.36 -27.88 -25.54
CA GLU A 160 11.09 -29.10 -26.30
C GLU A 160 10.07 -29.99 -25.72
N LYS A 161 9.88 -29.95 -24.41
CA LYS A 161 8.87 -30.74 -23.77
C LYS A 161 8.31 -29.88 -22.63
N PRO A 162 7.07 -30.16 -22.21
CA PRO A 162 6.54 -29.47 -21.01
C PRO A 162 7.07 -30.02 -19.73
N ALA A 163 7.03 -29.22 -18.69
CA ALA A 163 7.27 -29.73 -17.38
C ALA A 163 6.34 -30.84 -17.08
N ALA A 164 6.88 -31.89 -16.45
CA ALA A 164 6.12 -33.10 -16.17
C ALA A 164 5.31 -33.02 -14.89
N THR A 165 4.33 -32.12 -14.92
CA THR A 165 3.51 -31.84 -13.77
C THR A 165 2.46 -32.86 -13.54
N GLN A 166 1.95 -32.87 -12.34
CA GLN A 166 0.81 -33.68 -11.97
C GLN A 166 -0.48 -32.87 -12.07
N ALA A 167 -1.58 -33.54 -12.35
CA ALA A 167 -2.92 -32.90 -12.42
C ALA A 167 -3.21 -32.02 -11.22
N ASP A 168 -2.82 -32.49 -10.02
CA ASP A 168 -3.10 -31.76 -8.81
C ASP A 168 -2.01 -30.81 -8.34
N ASP A 169 -1.01 -30.59 -9.17
CA ASP A 169 0.03 -29.60 -8.89
C ASP A 169 -0.55 -28.19 -9.15
N PRO A 170 -0.14 -27.20 -8.35
CA PRO A 170 -0.52 -25.84 -8.72
C PRO A 170 -0.12 -25.50 -10.13
N ALA A 171 -1.06 -24.86 -10.84
CA ALA A 171 -0.76 -24.36 -12.18
C ALA A 171 -0.69 -22.83 -12.29
N PHE A 172 -1.62 -22.15 -11.61
CA PHE A 172 -1.68 -20.66 -11.68
C PHE A 172 -2.44 -20.13 -10.47
N TRP A 173 -2.27 -18.84 -10.16
CA TRP A 173 -3.06 -18.19 -9.11
C TRP A 173 -3.94 -17.06 -9.69
N LEU A 174 -5.05 -16.80 -9.00
CA LEU A 174 -5.83 -15.56 -9.18
C LEU A 174 -5.86 -14.98 -7.80
N TYR A 175 -6.11 -13.69 -7.72
CA TYR A 175 -6.31 -13.09 -6.37
C TYR A 175 -7.74 -12.70 -6.16
N SER A 176 -8.26 -12.80 -4.97
CA SER A 176 -9.63 -12.42 -4.68
C SER A 176 -9.64 -11.60 -3.41
N SER A 177 -10.36 -10.49 -3.40
CA SER A 177 -10.40 -9.73 -2.12
C SER A 177 -11.69 -9.94 -1.37
N GLY A 178 -11.62 -9.95 -0.05
CA GLY A 178 -12.81 -9.97 0.82
C GLY A 178 -13.12 -8.55 1.27
N SER A 179 -14.00 -8.43 2.25
CA SER A 179 -14.48 -7.05 2.58
C SER A 179 -13.45 -6.21 3.32
N THR A 180 -12.49 -6.88 3.94
CA THR A 180 -11.30 -6.27 4.58
C THR A 180 -10.08 -7.10 4.26
N GLY A 181 -8.92 -6.57 4.56
CA GLY A 181 -7.67 -7.35 4.40
C GLY A 181 -7.12 -7.33 2.99
N ARG A 182 -5.97 -8.00 2.86
CA ARG A 182 -5.29 -8.04 1.62
C ARG A 182 -5.95 -9.08 0.67
N PRO A 183 -5.69 -8.92 -0.60
CA PRO A 183 -6.11 -9.97 -1.60
C PRO A 183 -5.58 -11.35 -1.20
N LYS A 184 -6.40 -12.38 -1.40
CA LYS A 184 -6.05 -13.76 -1.12
C LYS A 184 -5.64 -14.46 -2.39
N GLY A 185 -4.52 -15.14 -2.32
CA GLY A 185 -3.98 -15.92 -3.44
C GLY A 185 -4.68 -17.26 -3.59
N VAL A 186 -5.61 -17.31 -4.56
CA VAL A 186 -6.34 -18.52 -4.84
C VAL A 186 -5.54 -19.43 -5.75
N VAL A 187 -5.21 -20.65 -5.26
CA VAL A 187 -4.27 -21.52 -5.97
C VAL A 187 -5.03 -22.57 -6.76
N HIS A 188 -4.93 -22.53 -8.08
CA HIS A 188 -5.56 -23.49 -8.93
C HIS A 188 -4.56 -24.48 -9.53
N THR A 189 -5.06 -25.68 -9.72
CA THR A 189 -4.24 -26.77 -10.26
C THR A 189 -4.38 -26.92 -11.76
N HIS A 190 -3.53 -27.78 -12.36
CA HIS A 190 -3.66 -28.13 -13.75
C HIS A 190 -5.01 -28.71 -14.13
N ALA A 191 -5.56 -29.52 -13.23
CA ALA A 191 -6.85 -30.20 -13.49
C ALA A 191 -8.05 -29.22 -13.51
N ASN A 192 -7.98 -28.16 -12.69
CA ASN A 192 -9.14 -27.32 -12.47
C ASN A 192 -9.73 -26.69 -13.76
N PRO A 193 -8.87 -26.10 -14.62
CA PRO A 193 -9.44 -25.53 -15.83
C PRO A 193 -9.84 -26.58 -16.89
N TYR A 194 -9.33 -27.81 -16.74
CA TYR A 194 -9.86 -28.89 -17.59
C TYR A 194 -11.29 -29.14 -17.18
N TRP A 195 -11.54 -29.26 -15.88
CA TRP A 195 -12.85 -29.52 -15.46
C TRP A 195 -13.85 -28.43 -15.82
N THR A 196 -13.45 -27.16 -15.65
CA THR A 196 -14.46 -26.08 -15.96
C THR A 196 -14.74 -26.12 -17.47
N SER A 197 -13.69 -26.31 -18.25
CA SER A 197 -13.82 -26.20 -19.69
C SER A 197 -14.67 -27.37 -20.23
N GLU A 198 -14.57 -28.53 -19.59
CA GLU A 198 -15.38 -29.65 -20.03
C GLU A 198 -16.78 -29.60 -19.49
N LEU A 199 -16.95 -29.34 -18.20
CA LEU A 199 -18.24 -29.40 -17.58
C LEU A 199 -19.16 -28.23 -18.00
N TYR A 200 -18.57 -27.04 -18.12
CA TYR A 200 -19.32 -25.83 -18.42
C TYR A 200 -19.14 -25.44 -19.86
N GLY A 201 -17.92 -25.16 -20.26
CA GLY A 201 -17.67 -24.69 -21.63
C GLY A 201 -18.22 -25.63 -22.69
N ARG A 202 -17.81 -26.90 -22.58
CA ARG A 202 -18.28 -27.89 -23.59
C ARG A 202 -19.66 -28.39 -23.25
N ASN A 203 -19.85 -28.92 -22.06
CA ASN A 203 -21.10 -29.64 -21.80
C ASN A 203 -22.33 -28.84 -21.39
N THR A 204 -22.16 -27.57 -20.98
CA THR A 204 -23.29 -26.73 -20.66
C THR A 204 -23.54 -25.72 -21.78
N LEU A 205 -22.51 -24.96 -22.14
CA LEU A 205 -22.65 -23.99 -23.22
C LEU A 205 -22.66 -24.57 -24.65
N HIS A 206 -22.08 -25.76 -24.79
CA HIS A 206 -21.91 -26.40 -26.11
C HIS A 206 -21.15 -25.55 -27.06
N LEU A 207 -20.08 -24.94 -26.56
CA LEU A 207 -19.13 -24.26 -27.45
C LEU A 207 -18.56 -25.20 -28.49
N ARG A 208 -18.25 -24.68 -29.66
CA ARG A 208 -17.79 -25.51 -30.70
C ARG A 208 -16.71 -24.82 -31.54
N GLU A 209 -16.08 -25.61 -32.40
CA GLU A 209 -14.93 -25.17 -33.17
C GLU A 209 -15.22 -23.94 -34.00
N ASP A 210 -16.43 -23.86 -34.61
CA ASP A 210 -16.70 -22.70 -35.47
C ASP A 210 -17.19 -21.45 -34.75
N ASP A 211 -17.22 -21.51 -33.41
CA ASP A 211 -17.52 -20.32 -32.65
C ASP A 211 -16.38 -19.26 -32.72
N VAL A 212 -16.77 -17.99 -32.56
CA VAL A 212 -15.92 -16.89 -32.28
C VAL A 212 -16.37 -16.32 -30.93
N CYS A 213 -15.50 -16.44 -29.93
CA CYS A 213 -15.77 -16.07 -28.55
C CYS A 213 -15.30 -14.63 -28.30
N PHE A 214 -16.08 -13.85 -27.57
CA PHE A 214 -15.68 -12.46 -27.22
C PHE A 214 -16.25 -12.18 -25.87
N SER A 215 -15.39 -11.91 -24.87
CA SER A 215 -15.80 -11.72 -23.49
C SER A 215 -15.48 -10.26 -23.11
N ALA A 216 -16.50 -9.54 -22.66
CA ALA A 216 -16.29 -8.22 -22.05
C ALA A 216 -15.47 -8.37 -20.77
N ALA A 217 -15.65 -9.48 -20.04
CA ALA A 217 -14.89 -9.79 -18.87
C ALA A 217 -13.49 -10.16 -19.26
N LYS A 218 -12.50 -9.43 -18.74
CA LYS A 218 -11.11 -9.61 -19.05
C LYS A 218 -10.55 -10.98 -18.59
N LEU A 219 -9.40 -11.31 -19.15
CA LEU A 219 -8.78 -12.62 -18.98
C LEU A 219 -8.34 -12.88 -17.56
N PHE A 220 -8.05 -11.83 -16.78
CA PHE A 220 -7.62 -12.03 -15.42
C PHE A 220 -8.78 -12.38 -14.47
N PHE A 221 -10.02 -12.12 -14.87
CA PHE A 221 -11.19 -12.58 -14.09
C PHE A 221 -11.35 -14.10 -14.35
N ALA A 222 -11.64 -14.87 -13.30
CA ALA A 222 -11.89 -16.28 -13.49
C ALA A 222 -12.93 -16.44 -14.63
N TYR A 223 -14.01 -15.68 -14.58
CA TYR A 223 -15.07 -15.74 -15.63
C TYR A 223 -14.47 -15.60 -17.00
N GLY A 224 -13.68 -14.54 -17.21
CA GLY A 224 -13.10 -14.29 -18.50
C GLY A 224 -12.00 -15.26 -18.95
N LEU A 225 -11.26 -15.75 -17.96
CA LEU A 225 -10.21 -16.73 -18.29
C LEU A 225 -10.82 -18.00 -18.93
N GLY A 226 -11.95 -18.46 -18.40
CA GLY A 226 -12.67 -19.54 -19.07
C GLY A 226 -13.25 -19.12 -20.43
N ASN A 227 -14.00 -18.04 -20.41
CA ASN A 227 -14.76 -17.63 -21.55
C ASN A 227 -13.90 -17.43 -22.79
N ALA A 228 -12.74 -16.82 -22.60
CA ALA A 228 -11.94 -16.31 -23.66
C ALA A 228 -10.52 -16.95 -23.75
N LEU A 229 -10.31 -18.02 -23.02
CA LEU A 229 -9.06 -18.77 -23.15
C LEU A 229 -9.30 -20.24 -22.96
N THR A 230 -9.67 -20.68 -21.78
CA THR A 230 -9.70 -22.13 -21.60
C THR A 230 -10.83 -22.83 -22.38
N PHE A 231 -12.00 -22.21 -22.40
CA PHE A 231 -13.13 -22.73 -23.13
C PHE A 231 -12.87 -22.83 -24.63
N PRO A 232 -12.54 -21.68 -25.27
CA PRO A 232 -12.35 -21.77 -26.74
C PRO A 232 -11.22 -22.67 -27.17
N MET A 233 -10.14 -22.71 -26.38
N MET A 233 -10.12 -22.67 -26.38
CA MET A 233 -9.02 -23.56 -26.76
CA MET A 233 -8.96 -23.54 -26.64
C MET A 233 -9.35 -25.02 -26.55
C MET A 233 -9.38 -25.01 -26.57
N THR A 234 -10.30 -25.33 -25.67
CA THR A 234 -10.74 -26.70 -25.45
C THR A 234 -11.44 -27.25 -26.69
N VAL A 235 -12.20 -26.41 -27.38
CA VAL A 235 -12.98 -26.82 -28.57
C VAL A 235 -12.42 -26.39 -29.93
N GLY A 236 -11.37 -25.57 -29.94
CA GLY A 236 -10.81 -25.02 -31.11
C GLY A 236 -11.49 -23.80 -31.71
N ALA A 237 -12.33 -23.12 -30.90
CA ALA A 237 -12.95 -21.85 -31.30
C ALA A 237 -11.91 -20.75 -31.47
N THR A 238 -12.25 -19.77 -32.29
CA THR A 238 -11.46 -18.54 -32.42
C THR A 238 -11.92 -17.54 -31.38
N THR A 239 -10.99 -16.83 -30.80
CA THR A 239 -11.28 -15.80 -29.82
C THR A 239 -10.80 -14.41 -30.17
N LEU A 240 -11.72 -13.46 -29.97
CA LEU A 240 -11.45 -12.03 -30.11
C LEU A 240 -11.10 -11.49 -28.74
N LEU A 241 -10.04 -10.70 -28.68
CA LEU A 241 -9.55 -9.99 -27.46
C LEU A 241 -9.52 -8.50 -27.71
N MET A 242 -9.89 -7.73 -26.66
CA MET A 242 -9.92 -6.30 -26.71
C MET A 242 -9.22 -5.71 -25.52
N GLY A 243 -8.25 -4.82 -25.75
CA GLY A 243 -7.50 -4.21 -24.64
C GLY A 243 -8.26 -3.16 -23.89
N GLU A 244 -9.09 -2.39 -24.61
CA GLU A 244 -9.72 -1.23 -24.01
C GLU A 244 -10.86 -1.60 -23.06
N ARG A 245 -11.31 -0.61 -22.30
CA ARG A 245 -12.44 -0.76 -21.39
C ARG A 245 -13.68 -1.08 -22.18
N PRO A 246 -14.46 -2.06 -21.73
CA PRO A 246 -15.65 -2.29 -22.50
C PRO A 246 -16.67 -1.10 -22.28
N THR A 247 -17.17 -0.62 -23.38
CA THR A 247 -18.31 0.24 -23.41
C THR A 247 -19.23 -0.35 -24.43
N PRO A 248 -20.50 0.12 -24.47
CA PRO A 248 -21.37 -0.33 -25.54
C PRO A 248 -20.79 -0.15 -26.92
N ASP A 249 -20.30 1.05 -27.20
CA ASP A 249 -19.71 1.22 -28.51
C ASP A 249 -18.54 0.30 -28.85
N ALA A 250 -17.65 0.09 -27.89
CA ALA A 250 -16.52 -0.80 -28.17
C ALA A 250 -17.00 -2.22 -28.46
N VAL A 251 -18.00 -2.66 -27.70
CA VAL A 251 -18.53 -4.03 -27.87
C VAL A 251 -19.24 -4.14 -29.21
N PHE A 252 -20.10 -3.15 -29.53
CA PHE A 252 -20.79 -3.18 -30.82
C PHE A 252 -19.87 -3.23 -32.01
N LYS A 253 -18.76 -2.44 -31.98
CA LYS A 253 -17.76 -2.44 -33.09
C LYS A 253 -17.29 -3.88 -33.41
N ARG A 254 -17.10 -4.64 -32.34
CA ARG A 254 -16.62 -5.99 -32.47
C ARG A 254 -17.72 -6.94 -32.88
N TRP A 255 -18.90 -6.81 -32.27
CA TRP A 255 -20.04 -7.56 -32.69
C TRP A 255 -20.29 -7.47 -34.20
N LEU A 256 -20.03 -6.28 -34.74
CA LEU A 256 -20.26 -6.01 -36.18
C LEU A 256 -19.16 -6.43 -37.13
N GLY A 257 -18.10 -7.01 -36.60
CA GLY A 257 -17.01 -7.44 -37.37
C GLY A 257 -16.02 -6.36 -37.71
N GLY A 258 -15.93 -5.33 -36.89
CA GLY A 258 -14.93 -4.26 -37.04
C GLY A 258 -13.48 -4.59 -36.77
N VAL A 259 -13.22 -5.73 -36.12
CA VAL A 259 -11.87 -6.22 -35.84
C VAL A 259 -11.62 -7.63 -36.36
N GLY A 260 -10.50 -7.78 -37.04
CA GLY A 260 -10.02 -9.09 -37.42
C GLY A 260 -10.82 -9.81 -38.48
N GLY A 261 -11.81 -9.15 -39.07
CA GLY A 261 -12.64 -9.79 -40.07
C GLY A 261 -13.53 -10.89 -39.47
N VAL A 262 -13.79 -10.80 -38.14
CA VAL A 262 -14.58 -11.81 -37.45
C VAL A 262 -15.70 -11.20 -36.70
N LYS A 263 -16.83 -11.89 -36.77
CA LYS A 263 -17.99 -11.54 -35.99
C LYS A 263 -18.18 -12.58 -34.90
N PRO A 264 -18.18 -12.12 -33.67
CA PRO A 264 -18.45 -13.07 -32.57
C PRO A 264 -19.78 -13.79 -32.67
N THR A 265 -19.72 -15.08 -32.30
CA THR A 265 -20.92 -15.87 -32.07
C THR A 265 -21.33 -16.10 -30.64
N VAL A 266 -20.35 -15.94 -29.72
CA VAL A 266 -20.62 -16.14 -28.30
C VAL A 266 -20.11 -14.91 -27.63
N PHE A 267 -20.98 -14.28 -26.86
CA PHE A 267 -20.63 -13.13 -26.07
C PHE A 267 -20.87 -13.40 -24.62
N TYR A 268 -19.99 -12.77 -23.80
CA TYR A 268 -20.06 -12.92 -22.37
C TYR A 268 -19.87 -11.55 -21.74
N GLY A 269 -20.62 -11.32 -20.67
CA GLY A 269 -20.46 -10.04 -19.95
C GLY A 269 -21.32 -10.01 -18.69
N ALA A 270 -21.33 -8.85 -18.09
CA ALA A 270 -22.10 -8.63 -16.90
C ALA A 270 -23.46 -8.01 -17.17
N PRO A 271 -24.45 -8.31 -16.32
CA PRO A 271 -25.76 -7.65 -16.48
C PRO A 271 -25.72 -6.11 -16.62
N THR A 272 -24.85 -5.43 -15.89
CA THR A 272 -24.72 -3.95 -16.08
C THR A 272 -24.38 -3.62 -17.52
N GLY A 273 -23.52 -4.43 -18.14
CA GLY A 273 -23.14 -4.18 -19.55
C GLY A 273 -24.31 -4.41 -20.51
N TYR A 274 -25.01 -5.52 -20.30
CA TYR A 274 -26.19 -5.82 -21.10
C TYR A 274 -27.24 -4.68 -20.99
N ALA A 275 -27.44 -4.20 -19.77
CA ALA A 275 -28.34 -3.04 -19.53
C ALA A 275 -27.87 -1.81 -20.29
N GLY A 276 -26.58 -1.54 -20.22
CA GLY A 276 -25.98 -0.38 -20.93
C GLY A 276 -26.15 -0.50 -22.41
N MET A 277 -25.95 -1.73 -22.97
CA MET A 277 -26.08 -1.87 -24.41
C MET A 277 -27.50 -1.73 -24.88
N LEU A 278 -28.43 -2.26 -24.11
CA LEU A 278 -29.85 -2.23 -24.48
C LEU A 278 -30.33 -0.75 -24.43
N ALA A 279 -29.71 0.06 -23.59
CA ALA A 279 -30.04 1.54 -23.49
C ALA A 279 -29.39 2.35 -24.58
N ALA A 280 -28.45 1.79 -25.30
CA ALA A 280 -27.69 2.51 -26.27
C ALA A 280 -28.48 2.74 -27.54
N PRO A 281 -28.46 3.99 -28.02
CA PRO A 281 -29.28 4.30 -29.20
C PRO A 281 -28.84 3.57 -30.46
N ASN A 282 -27.57 3.25 -30.57
CA ASN A 282 -27.05 2.51 -31.69
C ASN A 282 -26.84 1.00 -31.40
N LEU A 283 -27.64 0.45 -30.51
CA LEU A 283 -27.75 -1.04 -30.36
C LEU A 283 -27.96 -1.69 -31.73
N PRO A 284 -27.09 -2.63 -32.10
CA PRO A 284 -27.28 -3.24 -33.42
C PRO A 284 -28.59 -4.02 -33.56
N SER A 285 -29.03 -4.16 -34.81
CA SER A 285 -30.17 -4.99 -35.14
CA SER A 285 -30.17 -5.00 -35.11
C SER A 285 -29.74 -6.46 -35.21
N ARG A 286 -30.69 -7.36 -35.02
CA ARG A 286 -30.47 -8.81 -35.18
C ARG A 286 -29.75 -9.17 -36.44
N ASP A 287 -30.09 -8.53 -37.56
CA ASP A 287 -29.47 -8.96 -38.81
C ASP A 287 -28.05 -8.48 -38.97
N GLN A 288 -27.54 -7.66 -38.05
CA GLN A 288 -26.20 -7.15 -38.20
C GLN A 288 -25.15 -7.98 -37.43
N VAL A 289 -25.65 -8.92 -36.61
CA VAL A 289 -24.77 -9.63 -35.67
C VAL A 289 -24.88 -11.14 -35.92
N ALA A 290 -23.86 -11.85 -35.44
CA ALA A 290 -23.77 -13.29 -35.64
C ALA A 290 -23.88 -14.05 -34.30
N LEU A 291 -24.24 -13.35 -33.24
CA LEU A 291 -24.45 -13.96 -31.94
C LEU A 291 -25.44 -15.12 -31.93
N ARG A 292 -25.04 -16.25 -31.37
CA ARG A 292 -25.91 -17.36 -31.11
C ARG A 292 -26.07 -17.67 -29.63
N LEU A 293 -25.23 -17.08 -28.77
CA LEU A 293 -25.24 -17.43 -27.31
C LEU A 293 -24.74 -16.23 -26.56
N ALA A 294 -25.47 -15.85 -25.54
CA ALA A 294 -25.10 -14.74 -24.64
C ALA A 294 -25.06 -15.21 -23.24
N SER A 295 -23.88 -15.11 -22.66
CA SER A 295 -23.63 -15.54 -21.26
C SER A 295 -23.51 -14.35 -20.34
N SER A 296 -23.95 -14.55 -19.12
N SER A 296 -24.03 -14.46 -19.13
CA SER A 296 -23.89 -13.52 -18.12
CA SER A 296 -23.78 -13.43 -18.14
C SER A 296 -23.43 -14.00 -16.77
C SER A 296 -23.42 -13.97 -16.80
N ALA A 297 -22.57 -13.20 -16.11
CA ALA A 297 -22.21 -13.41 -14.74
C ALA A 297 -21.65 -12.16 -14.15
N GLY A 298 -21.55 -12.16 -12.82
CA GLY A 298 -20.87 -11.09 -12.10
C GLY A 298 -21.84 -10.37 -11.15
N GLU A 299 -23.11 -10.51 -11.37
CA GLU A 299 -24.19 -9.99 -10.52
C GLU A 299 -25.46 -10.70 -11.05
N ALA A 300 -26.48 -10.74 -10.22
CA ALA A 300 -27.78 -11.34 -10.61
C ALA A 300 -28.32 -10.60 -11.83
N LEU A 301 -28.81 -11.38 -12.81
CA LEU A 301 -29.42 -10.76 -14.01
C LEU A 301 -30.90 -10.35 -13.66
N PRO A 302 -31.23 -9.04 -13.71
CA PRO A 302 -32.66 -8.66 -13.52
C PRO A 302 -33.43 -9.28 -14.65
N ALA A 303 -34.58 -9.87 -14.34
CA ALA A 303 -35.36 -10.53 -15.39
C ALA A 303 -35.64 -9.65 -16.56
N GLU A 304 -35.93 -8.36 -16.30
CA GLU A 304 -36.26 -7.42 -17.41
C GLU A 304 -35.16 -7.27 -18.44
N ILE A 305 -33.89 -7.37 -18.00
CA ILE A 305 -32.79 -7.18 -18.94
C ILE A 305 -32.74 -8.42 -19.85
N GLY A 306 -32.86 -9.62 -19.27
CA GLY A 306 -32.89 -10.83 -20.08
C GLY A 306 -34.09 -10.83 -21.05
N GLN A 307 -35.25 -10.44 -20.55
CA GLN A 307 -36.44 -10.46 -21.38
C GLN A 307 -36.31 -9.46 -22.53
N ARG A 308 -35.76 -8.25 -22.23
CA ARG A 308 -35.59 -7.22 -23.28
C ARG A 308 -34.60 -7.64 -24.30
N PHE A 309 -33.51 -8.26 -23.83
CA PHE A 309 -32.55 -8.75 -24.78
C PHE A 309 -33.12 -9.82 -25.74
N GLN A 310 -33.94 -10.66 -25.17
CA GLN A 310 -34.54 -11.76 -25.93
C GLN A 310 -35.56 -11.16 -26.88
N ARG A 311 -36.29 -10.16 -26.40
CA ARG A 311 -37.29 -9.48 -27.34
C ARG A 311 -36.55 -8.82 -28.49
N HIS A 312 -35.39 -8.22 -28.23
CA HIS A 312 -34.66 -7.55 -29.30
C HIS A 312 -33.85 -8.45 -30.26
N PHE A 313 -33.09 -9.39 -29.68
CA PHE A 313 -32.21 -10.22 -30.44
C PHE A 313 -32.73 -11.63 -30.77
N GLY A 314 -33.78 -12.07 -30.10
CA GLY A 314 -34.19 -13.49 -30.23
C GLY A 314 -33.22 -14.47 -29.54
N LEU A 315 -32.45 -13.96 -28.59
CA LEU A 315 -31.48 -14.76 -27.78
C LEU A 315 -31.75 -14.48 -26.34
N ASP A 316 -31.79 -15.54 -25.50
CA ASP A 316 -31.85 -15.34 -24.09
C ASP A 316 -30.42 -15.00 -23.60
N ILE A 317 -30.37 -14.41 -22.44
CA ILE A 317 -29.12 -14.22 -21.68
C ILE A 317 -29.08 -15.41 -20.72
N VAL A 318 -27.97 -16.16 -20.74
CA VAL A 318 -27.80 -17.35 -19.89
C VAL A 318 -26.98 -16.93 -18.68
N ASP A 319 -27.67 -16.74 -17.56
CA ASP A 319 -27.08 -16.22 -16.30
C ASP A 319 -26.61 -17.42 -15.48
N GLY A 320 -25.34 -17.38 -15.06
CA GLY A 320 -24.84 -18.43 -14.15
C GLY A 320 -23.97 -17.75 -13.08
N ILE A 321 -23.63 -18.52 -12.05
CA ILE A 321 -22.77 -18.06 -10.96
C ILE A 321 -21.62 -19.01 -10.78
N GLY A 322 -20.45 -18.40 -10.63
CA GLY A 322 -19.27 -19.08 -10.20
C GLY A 322 -18.63 -18.36 -9.04
N SER A 323 -17.38 -18.76 -8.76
CA SER A 323 -16.54 -18.07 -7.83
C SER A 323 -15.12 -18.22 -8.23
N THR A 324 -14.27 -17.28 -7.74
CA THR A 324 -12.85 -17.41 -8.01
C THR A 324 -12.29 -18.75 -7.51
N GLU A 325 -12.75 -19.14 -6.35
CA GLU A 325 -12.32 -20.41 -5.73
C GLU A 325 -12.77 -21.68 -6.50
N MET A 326 -13.93 -21.66 -7.15
CA MET A 326 -14.40 -22.75 -7.96
C MET A 326 -14.01 -22.66 -9.40
N LEU A 327 -13.30 -21.56 -9.74
CA LEU A 327 -12.76 -21.28 -11.05
C LEU A 327 -13.77 -20.88 -12.12
N HIS A 328 -14.89 -21.56 -12.19
CA HIS A 328 -15.98 -21.08 -13.14
C HIS A 328 -17.36 -21.44 -12.62
N ILE A 329 -18.36 -21.47 -13.50
CA ILE A 329 -19.75 -21.47 -13.09
C ILE A 329 -20.16 -22.89 -12.67
N PHE A 330 -20.86 -22.98 -11.57
CA PHE A 330 -21.35 -24.23 -11.03
C PHE A 330 -22.86 -24.29 -10.88
N LEU A 331 -23.55 -23.20 -11.14
CA LEU A 331 -24.99 -23.10 -10.96
C LEU A 331 -25.47 -22.18 -12.08
N SER A 332 -26.33 -22.67 -12.99
CA SER A 332 -26.58 -21.90 -14.20
C SER A 332 -27.87 -22.22 -14.90
N ASN A 333 -28.40 -21.23 -15.57
CA ASN A 333 -29.36 -21.47 -16.59
C ASN A 333 -28.69 -22.18 -17.74
N LEU A 334 -29.48 -22.73 -18.68
CA LEU A 334 -28.94 -23.43 -19.80
C LEU A 334 -29.33 -22.72 -21.10
N PRO A 335 -28.55 -22.92 -22.16
CA PRO A 335 -28.90 -22.23 -23.40
C PRO A 335 -30.37 -22.46 -23.83
N ASP A 336 -30.90 -23.68 -23.61
CA ASP A 336 -32.30 -23.97 -23.97
C ASP A 336 -33.22 -24.12 -22.76
N ARG A 337 -32.78 -23.68 -21.56
CA ARG A 337 -33.66 -23.66 -20.41
CA ARG A 337 -33.67 -23.67 -20.40
C ARG A 337 -33.24 -22.51 -19.53
N VAL A 338 -33.97 -21.41 -19.66
CA VAL A 338 -33.74 -20.20 -18.94
C VAL A 338 -34.96 -19.89 -18.09
N ARG A 339 -34.75 -19.68 -16.80
CA ARG A 339 -35.77 -19.12 -15.93
C ARG A 339 -35.35 -17.83 -15.33
N TYR A 340 -35.80 -16.69 -15.90
CA TYR A 340 -35.40 -15.40 -15.40
C TYR A 340 -35.90 -15.21 -13.95
N GLY A 341 -35.16 -14.47 -13.13
CA GLY A 341 -35.41 -14.35 -11.70
C GLY A 341 -34.70 -15.46 -10.95
N THR A 342 -34.01 -16.35 -11.67
CA THR A 342 -33.24 -17.44 -11.05
C THR A 342 -31.87 -17.58 -11.70
N THR A 343 -30.95 -18.23 -10.97
CA THR A 343 -29.66 -18.65 -11.55
C THR A 343 -29.66 -20.06 -12.05
N GLY A 344 -30.82 -20.61 -12.32
CA GLY A 344 -30.91 -21.90 -12.86
C GLY A 344 -30.62 -23.06 -11.92
N TRP A 345 -29.92 -24.05 -12.48
CA TRP A 345 -29.79 -25.40 -11.86
C TRP A 345 -28.30 -25.75 -11.69
N PRO A 346 -28.01 -26.63 -10.72
CA PRO A 346 -26.63 -27.11 -10.61
C PRO A 346 -26.07 -27.64 -11.92
N VAL A 347 -24.82 -27.27 -12.22
CA VAL A 347 -24.09 -27.78 -13.34
C VAL A 347 -23.72 -29.23 -13.06
N PRO A 348 -24.11 -30.16 -13.99
CA PRO A 348 -23.68 -31.52 -13.77
C PRO A 348 -22.16 -31.62 -13.54
N GLY A 349 -21.81 -32.35 -12.50
CA GLY A 349 -20.43 -32.48 -12.05
C GLY A 349 -20.20 -31.74 -10.75
N TYR A 350 -21.10 -30.83 -10.41
CA TYR A 350 -21.02 -30.06 -9.18
C TYR A 350 -22.23 -30.36 -8.30
N GLN A 351 -21.98 -30.49 -7.00
CA GLN A 351 -23.09 -30.66 -6.02
C GLN A 351 -23.20 -29.40 -5.26
N ILE A 352 -24.42 -28.96 -5.03
CA ILE A 352 -24.70 -27.71 -4.34
C ILE A 352 -25.48 -28.03 -3.05
N GLU A 353 -25.13 -27.42 -1.92
CA GLU A 353 -25.94 -27.47 -0.68
C GLU A 353 -26.26 -26.06 -0.18
N LEU A 354 -27.40 -25.90 0.48
CA LEU A 354 -27.74 -24.69 1.19
C LEU A 354 -27.68 -25.06 2.69
N ARG A 355 -26.93 -24.29 3.46
CA ARG A 355 -26.77 -24.56 4.91
C ARG A 355 -27.32 -23.39 5.71
N GLY A 356 -28.03 -23.74 6.78
CA GLY A 356 -28.56 -22.73 7.70
C GLY A 356 -27.62 -22.36 8.82
N ASP A 357 -28.19 -21.71 9.81
CA ASP A 357 -27.43 -21.08 10.90
C ASP A 357 -26.58 -22.05 11.67
N GLY A 358 -26.98 -23.31 11.73
CA GLY A 358 -26.05 -24.32 12.28
C GLY A 358 -25.37 -25.31 11.38
N GLY A 359 -25.37 -25.03 10.06
CA GLY A 359 -24.95 -26.03 9.11
C GLY A 359 -26.11 -26.99 8.77
N GLY A 360 -27.27 -26.77 9.36
CA GLY A 360 -28.41 -27.68 9.15
C GLY A 360 -29.10 -27.47 7.80
N PRO A 361 -30.11 -28.32 7.48
CA PRO A 361 -30.90 -28.21 6.22
C PRO A 361 -31.76 -27.01 6.22
N VAL A 362 -32.12 -26.53 5.02
CA VAL A 362 -33.07 -25.48 4.92
C VAL A 362 -34.16 -26.01 3.98
N ALA A 363 -35.37 -25.69 4.38
CA ALA A 363 -36.55 -26.13 3.69
C ALA A 363 -36.57 -25.33 2.40
N ASP A 364 -37.03 -25.96 1.32
CA ASP A 364 -37.24 -25.23 0.11
C ASP A 364 -38.03 -23.98 0.33
N GLY A 365 -37.55 -22.90 -0.28
CA GLY A 365 -38.10 -21.60 -0.11
C GLY A 365 -37.47 -20.78 0.97
N GLU A 366 -36.60 -21.41 1.77
CA GLU A 366 -35.90 -20.67 2.80
C GLU A 366 -34.44 -20.44 2.31
N PRO A 367 -33.89 -19.26 2.61
CA PRO A 367 -32.47 -18.92 2.28
C PRO A 367 -31.49 -19.77 3.09
N GLY A 368 -30.44 -20.24 2.42
CA GLY A 368 -29.28 -20.79 3.08
C GLY A 368 -27.99 -20.30 2.45
N ASP A 369 -26.90 -20.53 3.14
CA ASP A 369 -25.57 -20.25 2.62
C ASP A 369 -25.19 -21.33 1.61
N LEU A 370 -24.67 -20.90 0.48
CA LEU A 370 -24.31 -21.77 -0.62
C LEU A 370 -22.93 -22.38 -0.50
N TYR A 371 -22.88 -23.71 -0.60
CA TYR A 371 -21.64 -24.46 -0.63
C TYR A 371 -21.60 -25.37 -1.83
N ILE A 372 -20.40 -25.56 -2.40
CA ILE A 372 -20.21 -26.30 -3.63
C ILE A 372 -19.21 -27.38 -3.44
N HIS A 373 -19.56 -28.56 -3.94
CA HIS A 373 -18.61 -29.64 -4.04
C HIS A 373 -18.41 -29.94 -5.50
N GLY A 374 -17.21 -29.75 -6.02
CA GLY A 374 -16.93 -30.11 -7.41
C GLY A 374 -15.46 -30.21 -7.68
N PRO A 375 -15.08 -30.60 -8.88
CA PRO A 375 -13.70 -30.96 -9.13
C PRO A 375 -12.79 -29.84 -9.55
N SER A 376 -13.29 -28.59 -9.65
CA SER A 376 -12.46 -27.46 -10.01
C SER A 376 -12.14 -26.55 -8.86
N SER A 377 -12.31 -27.03 -7.62
CA SER A 377 -12.03 -26.18 -6.46
C SER A 377 -10.53 -25.89 -6.27
N ALA A 378 -10.22 -24.63 -5.97
CA ALA A 378 -8.87 -24.28 -5.54
C ALA A 378 -8.56 -25.08 -4.30
N THR A 379 -7.24 -25.18 -4.05
CA THR A 379 -6.77 -25.95 -2.93
C THR A 379 -6.70 -25.17 -1.61
N MET A 380 -6.54 -23.87 -1.69
CA MET A 380 -6.20 -23.09 -0.51
C MET A 380 -6.09 -21.65 -0.97
N TYR A 381 -6.00 -20.74 0.02
CA TYR A 381 -5.48 -19.41 -0.16
C TYR A 381 -4.01 -19.49 0.28
N TRP A 382 -3.07 -19.20 -0.61
CA TRP A 382 -1.66 -19.33 -0.27
C TRP A 382 -1.25 -18.51 0.94
N GLY A 383 -0.61 -19.18 1.88
CA GLY A 383 -0.12 -18.49 3.07
C GLY A 383 -1.19 -17.97 4.01
N ASN A 384 -2.44 -18.40 3.90
CA ASN A 384 -3.49 -17.93 4.77
C ASN A 384 -4.38 -19.11 5.26
N ARG A 385 -3.92 -19.71 6.35
CA ARG A 385 -4.52 -20.97 6.79
C ARG A 385 -5.88 -20.69 7.43
N ALA A 386 -6.02 -19.54 8.09
CA ALA A 386 -7.29 -19.24 8.77
C ALA A 386 -8.42 -18.99 7.78
N LYS A 387 -8.19 -18.10 6.79
CA LYS A 387 -9.21 -17.92 5.71
C LYS A 387 -9.39 -19.16 4.89
N SER A 388 -8.35 -19.97 4.70
CA SER A 388 -8.48 -21.25 3.97
C SER A 388 -9.49 -22.15 4.71
N ARG A 389 -9.35 -22.23 6.04
CA ARG A 389 -10.27 -23.06 6.88
C ARG A 389 -11.72 -22.65 6.76
N ASP A 390 -11.96 -21.37 6.70
CA ASP A 390 -13.29 -20.82 6.60
C ASP A 390 -13.95 -21.16 5.22
N THR A 391 -13.19 -21.08 4.13
CA THR A 391 -13.75 -21.27 2.81
C THR A 391 -13.73 -22.71 2.32
N PHE A 392 -12.66 -23.47 2.60
CA PHE A 392 -12.45 -24.79 2.05
C PHE A 392 -12.73 -25.82 3.17
N GLN A 393 -14.00 -26.19 3.31
CA GLN A 393 -14.50 -26.94 4.50
C GLN A 393 -14.68 -28.35 4.02
N GLY A 394 -13.54 -29.03 3.96
CA GLY A 394 -13.49 -30.48 3.72
C GLY A 394 -14.25 -31.02 2.52
N GLY A 395 -13.86 -30.59 1.35
CA GLY A 395 -14.51 -31.05 0.13
C GLY A 395 -15.57 -30.07 -0.29
N TRP A 396 -16.03 -29.22 0.60
CA TRP A 396 -17.05 -28.21 0.24
C TRP A 396 -16.43 -26.84 0.27
N THR A 397 -16.78 -26.02 -0.69
CA THR A 397 -16.24 -24.69 -0.83
C THR A 397 -17.36 -23.73 -0.59
N LYS A 398 -17.21 -22.84 0.38
CA LYS A 398 -18.21 -21.86 0.68
C LYS A 398 -18.10 -20.70 -0.34
N SER A 399 -19.21 -20.24 -0.94
CA SER A 399 -19.08 -19.12 -1.92
C SER A 399 -19.25 -17.74 -1.36
N GLY A 400 -19.89 -17.62 -0.20
CA GLY A 400 -20.27 -16.29 0.32
C GLY A 400 -21.63 -15.80 -0.14
N ASP A 401 -22.32 -16.60 -0.94
CA ASP A 401 -23.65 -16.19 -1.38
C ASP A 401 -24.70 -16.92 -0.51
N LYS A 402 -25.89 -16.37 -0.45
CA LYS A 402 -27.09 -17.03 0.09
C LYS A 402 -28.00 -17.31 -1.12
N TYR A 403 -28.73 -18.43 -1.08
CA TYR A 403 -29.66 -18.77 -2.10
C TYR A 403 -30.95 -19.42 -1.52
N VAL A 404 -32.03 -19.43 -2.32
CA VAL A 404 -33.25 -20.20 -2.03
C VAL A 404 -33.44 -21.20 -3.14
N ARG A 405 -33.81 -22.45 -2.81
CA ARG A 405 -34.16 -23.41 -3.83
C ARG A 405 -35.67 -23.42 -4.06
N ASN A 406 -36.02 -23.40 -5.34
CA ASN A 406 -37.44 -23.27 -5.79
C ASN A 406 -37.99 -24.66 -6.06
N ASP A 407 -39.31 -24.78 -6.23
CA ASP A 407 -39.97 -26.10 -6.41
C ASP A 407 -39.54 -26.80 -7.68
N ASP A 408 -39.06 -26.05 -8.66
CA ASP A 408 -38.58 -26.68 -9.85
C ASP A 408 -37.08 -27.02 -9.80
N GLY A 409 -36.48 -26.87 -8.61
CA GLY A 409 -35.09 -27.21 -8.42
C GLY A 409 -34.14 -26.08 -8.84
N SER A 410 -34.68 -24.97 -9.36
CA SER A 410 -33.86 -23.80 -9.68
C SER A 410 -33.50 -23.06 -8.37
N TYR A 411 -32.54 -22.15 -8.45
CA TYR A 411 -32.01 -21.44 -7.29
C TYR A 411 -32.07 -19.92 -7.51
N THR A 412 -32.60 -19.19 -6.53
CA THR A 412 -32.73 -17.73 -6.60
C THR A 412 -31.85 -17.06 -5.59
N TYR A 413 -31.04 -16.10 -6.06
CA TYR A 413 -30.08 -15.42 -5.21
C TYR A 413 -30.77 -14.66 -4.07
N ALA A 414 -30.15 -14.73 -2.89
CA ALA A 414 -30.67 -14.13 -1.67
C ALA A 414 -29.63 -13.30 -0.94
N GLY A 415 -28.52 -12.94 -1.60
CA GLY A 415 -27.60 -11.99 -1.03
C GLY A 415 -26.28 -12.59 -0.64
N ARG A 416 -25.50 -11.83 0.11
CA ARG A 416 -24.15 -12.22 0.55
C ARG A 416 -24.10 -12.51 2.04
N THR A 417 -23.15 -13.36 2.43
CA THR A 417 -22.82 -13.63 3.83
C THR A 417 -21.70 -12.68 4.35
N ASP A 418 -21.08 -11.85 3.50
CA ASP A 418 -19.77 -11.16 3.84
C ASP A 418 -19.63 -9.68 3.48
N ASP A 419 -20.76 -8.97 3.51
CA ASP A 419 -20.84 -7.53 3.26
C ASP A 419 -20.44 -7.05 1.88
N MET A 420 -19.95 -7.93 0.99
CA MET A 420 -19.51 -7.46 -0.32
C MET A 420 -20.68 -7.06 -1.16
N LEU A 421 -20.44 -6.13 -2.05
CA LEU A 421 -21.38 -5.75 -3.07
C LEU A 421 -20.89 -6.31 -4.39
N LYS A 422 -21.82 -6.64 -5.27
CA LYS A 422 -21.46 -6.96 -6.68
C LYS A 422 -22.03 -5.82 -7.52
N VAL A 423 -21.15 -4.99 -8.08
CA VAL A 423 -21.52 -3.74 -8.72
C VAL A 423 -20.90 -3.73 -10.08
N SER A 424 -21.69 -3.50 -11.11
CA SER A 424 -21.18 -3.51 -12.49
C SER A 424 -20.41 -4.82 -12.79
N GLY A 425 -20.82 -5.88 -12.13
CA GLY A 425 -20.22 -7.17 -12.36
C GLY A 425 -18.96 -7.46 -11.59
N ILE A 426 -18.54 -6.54 -10.71
CA ILE A 426 -17.31 -6.69 -9.92
C ILE A 426 -17.53 -6.63 -8.39
N TYR A 427 -16.73 -7.38 -7.61
CA TYR A 427 -16.87 -7.38 -6.13
C TYR A 427 -16.27 -6.08 -5.65
N VAL A 428 -17.00 -5.38 -4.80
CA VAL A 428 -16.50 -4.18 -4.15
C VAL A 428 -16.88 -4.19 -2.67
N SER A 429 -15.91 -3.81 -1.81
CA SER A 429 -16.18 -3.76 -0.39
C SER A 429 -16.75 -2.40 -0.04
N PRO A 430 -17.92 -2.35 0.62
CA PRO A 430 -18.37 -1.04 1.13
C PRO A 430 -17.36 -0.37 2.07
N PHE A 431 -16.59 -1.17 2.79
CA PHE A 431 -15.67 -0.66 3.83
C PHE A 431 -14.53 0.07 3.12
N GLU A 432 -14.15 -0.39 1.94
CA GLU A 432 -13.13 0.32 1.16
C GLU A 432 -13.62 1.66 0.73
N ILE A 433 -14.87 1.72 0.31
CA ILE A 433 -15.41 2.99 -0.18
C ILE A 433 -15.51 3.95 1.06
N GLU A 434 -15.98 3.45 2.19
CA GLU A 434 -16.04 4.23 3.44
C GLU A 434 -14.68 4.79 3.87
N ALA A 435 -13.66 3.94 3.77
CA ALA A 435 -12.29 4.29 4.13
C ALA A 435 -11.80 5.47 3.26
N THR A 436 -12.18 5.51 1.99
CA THR A 436 -11.79 6.59 1.13
C THR A 436 -12.56 7.88 1.45
N LEU A 437 -13.85 7.75 1.72
CA LEU A 437 -14.70 8.94 2.01
C LEU A 437 -14.24 9.65 3.29
N VAL A 438 -13.89 8.91 4.33
CA VAL A 438 -13.58 9.53 5.60
C VAL A 438 -12.24 10.22 5.58
N GLN A 439 -11.43 10.00 4.55
CA GLN A 439 -10.20 10.77 4.45
C GLN A 439 -10.42 12.16 3.83
N HIS A 440 -11.63 12.49 3.41
CA HIS A 440 -11.94 13.85 3.02
C HIS A 440 -12.10 14.68 4.30
N PRO A 441 -11.37 15.81 4.40
CA PRO A 441 -11.38 16.56 5.66
C PRO A 441 -12.76 17.10 6.08
N GLY A 442 -13.69 17.22 5.13
CA GLY A 442 -15.07 17.60 5.40
C GLY A 442 -16.03 16.54 5.87
N VAL A 443 -15.57 15.28 5.88
CA VAL A 443 -16.45 14.14 6.19
C VAL A 443 -16.14 13.74 7.64
N LEU A 444 -17.17 13.60 8.47
CA LEU A 444 -17.02 13.05 9.82
C LEU A 444 -17.14 11.54 9.86
N GLU A 445 -18.19 11.04 9.21
CA GLU A 445 -18.51 9.60 9.16
C GLU A 445 -19.08 9.23 7.81
N ALA A 446 -18.94 7.97 7.41
CA ALA A 446 -19.59 7.51 6.20
C ALA A 446 -19.99 6.01 6.34
N ALA A 447 -21.13 5.68 5.73
CA ALA A 447 -21.63 4.33 5.61
C ALA A 447 -22.07 4.10 4.18
N VAL A 448 -21.71 2.92 3.64
CA VAL A 448 -21.99 2.61 2.26
C VAL A 448 -22.76 1.27 2.25
N VAL A 449 -23.88 1.27 1.52
CA VAL A 449 -24.72 0.10 1.31
C VAL A 449 -25.04 -0.06 -0.16
N GLY A 450 -25.49 -1.24 -0.53
CA GLY A 450 -25.97 -1.48 -1.87
C GLY A 450 -27.40 -1.02 -2.07
N VAL A 451 -27.67 -0.34 -3.17
CA VAL A 451 -29.02 0.05 -3.54
C VAL A 451 -29.28 -0.38 -4.99
N ALA A 452 -30.46 -0.94 -5.25
CA ALA A 452 -30.89 -1.23 -6.64
C ALA A 452 -31.23 0.02 -7.42
N ASP A 453 -30.67 0.17 -8.61
CA ASP A 453 -30.95 1.27 -9.52
C ASP A 453 -32.24 1.03 -10.32
N GLU A 454 -32.47 1.80 -11.37
CA GLU A 454 -33.75 1.76 -12.11
C GLU A 454 -33.93 0.44 -12.88
N HIS A 455 -32.84 -0.29 -13.08
CA HIS A 455 -32.83 -1.57 -13.79
C HIS A 455 -32.75 -2.72 -12.86
N GLY A 456 -32.81 -2.45 -11.57
CA GLY A 456 -32.67 -3.48 -10.54
C GLY A 456 -31.20 -3.90 -10.28
N LEU A 457 -30.24 -3.15 -10.79
CA LEU A 457 -28.82 -3.51 -10.53
C LEU A 457 -28.26 -2.78 -9.28
N THR A 458 -27.46 -3.51 -8.47
CA THR A 458 -26.89 -2.97 -7.23
C THR A 458 -25.77 -2.00 -7.50
N LYS A 459 -25.89 -0.81 -6.89
CA LYS A 459 -24.85 0.21 -6.99
C LYS A 459 -24.55 0.68 -5.56
N PRO A 460 -23.32 1.17 -5.31
CA PRO A 460 -23.10 1.66 -3.90
C PRO A 460 -23.91 2.96 -3.69
N LYS A 461 -24.34 3.16 -2.41
CA LYS A 461 -24.96 4.43 -2.02
C LYS A 461 -24.31 4.82 -0.69
N ALA A 462 -23.88 6.06 -0.62
CA ALA A 462 -23.09 6.53 0.53
C ALA A 462 -23.98 7.49 1.39
N TYR A 463 -23.94 7.27 2.68
CA TYR A 463 -24.59 8.14 3.67
C TYR A 463 -23.48 8.77 4.43
N VAL A 464 -23.40 10.09 4.38
CA VAL A 464 -22.26 10.79 4.86
C VAL A 464 -22.68 11.81 5.87
N VAL A 465 -22.03 11.77 7.02
CA VAL A 465 -22.15 12.83 8.02
C VAL A 465 -21.06 13.84 7.84
N PRO A 466 -21.41 15.08 7.47
CA PRO A 466 -20.37 16.09 7.31
C PRO A 466 -19.77 16.54 8.63
N ARG A 467 -18.55 17.03 8.58
CA ARG A 467 -17.88 17.46 9.77
C ARG A 467 -18.38 18.89 10.04
N PRO A 468 -18.93 19.13 11.23
CA PRO A 468 -19.32 20.52 11.61
C PRO A 468 -18.17 21.50 11.37
N GLY A 469 -18.46 22.63 10.73
CA GLY A 469 -17.45 23.69 10.54
C GLY A 469 -16.57 23.59 9.29
N GLN A 470 -16.77 22.53 8.50
CA GLN A 470 -16.21 22.47 7.16
C GLN A 470 -17.37 22.60 6.23
N THR A 471 -17.01 22.85 4.99
CA THR A 471 -17.94 22.89 3.90
C THR A 471 -17.68 21.59 3.17
N LEU A 472 -18.71 21.10 2.52
CA LEU A 472 -18.60 19.89 1.76
C LEU A 472 -19.81 19.85 0.83
N SER A 473 -19.57 19.85 -0.47
CA SER A 473 -20.63 19.66 -1.47
C SER A 473 -20.58 18.28 -2.10
N GLU A 474 -21.70 17.83 -2.68
CA GLU A 474 -21.70 16.62 -3.47
C GLU A 474 -20.63 16.66 -4.60
N THR A 475 -20.43 17.82 -5.23
CA THR A 475 -19.49 17.85 -6.35
C THR A 475 -18.04 17.84 -5.85
N GLU A 476 -17.77 18.49 -4.69
CA GLU A 476 -16.44 18.40 -4.07
C GLU A 476 -16.11 16.89 -3.85
N LEU A 477 -17.09 16.14 -3.39
CA LEU A 477 -16.86 14.77 -3.01
C LEU A 477 -16.67 13.88 -4.26
N LYS A 478 -17.42 14.18 -5.32
CA LYS A 478 -17.26 13.56 -6.65
C LYS A 478 -15.83 13.70 -7.17
N THR A 479 -15.34 14.94 -7.16
CA THR A 479 -13.94 15.24 -7.55
C THR A 479 -12.95 14.47 -6.65
N PHE A 480 -13.25 14.42 -5.36
CA PHE A 480 -12.30 13.76 -4.45
C PHE A 480 -12.18 12.27 -4.77
N ILE A 481 -13.29 11.63 -5.03
CA ILE A 481 -13.19 10.21 -5.28
C ILE A 481 -12.77 9.83 -6.71
N LYS A 482 -12.88 10.75 -7.68
CA LYS A 482 -12.54 10.50 -9.11
C LYS A 482 -11.29 9.59 -9.29
N ASP A 483 -10.15 10.02 -8.81
CA ASP A 483 -8.92 9.27 -9.04
C ASP A 483 -8.52 8.40 -7.86
N ARG A 484 -9.35 8.38 -6.81
CA ARG A 484 -9.02 7.52 -5.67
C ARG A 484 -9.68 6.15 -5.72
N LEU A 485 -10.79 6.05 -6.43
CA LEU A 485 -11.46 4.78 -6.61
C LEU A 485 -11.65 4.51 -8.09
N ALA A 486 -11.64 3.22 -8.45
CA ALA A 486 -12.10 2.80 -9.78
C ALA A 486 -13.57 3.23 -10.00
N PRO A 487 -13.91 3.59 -11.26
CA PRO A 487 -15.23 4.16 -11.54
C PRO A 487 -16.41 3.27 -11.17
N TYR A 488 -16.20 1.95 -11.19
CA TYR A 488 -17.28 1.03 -10.82
C TYR A 488 -17.60 1.19 -9.34
N LYS A 489 -16.67 1.77 -8.56
CA LYS A 489 -16.85 1.93 -7.10
C LYS A 489 -17.46 3.24 -6.72
N TYR A 490 -17.72 4.12 -7.68
CA TYR A 490 -18.28 5.43 -7.34
C TYR A 490 -19.71 5.19 -6.75
N PRO A 491 -20.04 5.84 -5.63
CA PRO A 491 -21.43 5.80 -5.16
C PRO A 491 -22.34 6.37 -6.25
N ARG A 492 -23.48 5.76 -6.51
CA ARG A 492 -24.42 6.26 -7.51
C ARG A 492 -25.11 7.49 -6.90
N SER A 493 -25.33 7.48 -5.60
CA SER A 493 -25.67 8.74 -4.92
C SER A 493 -25.08 8.81 -3.55
N THR A 494 -24.98 10.04 -3.09
CA THR A 494 -24.57 10.38 -1.73
C THR A 494 -25.64 11.17 -1.04
N VAL A 495 -26.04 10.70 0.14
CA VAL A 495 -27.02 11.43 0.97
C VAL A 495 -26.28 11.96 2.21
N PHE A 496 -26.42 13.25 2.45
CA PHE A 496 -25.82 13.91 3.60
C PHE A 496 -26.82 13.83 4.70
N VAL A 497 -26.41 13.31 5.85
CA VAL A 497 -27.29 13.10 6.99
C VAL A 497 -26.62 13.67 8.22
N ALA A 498 -27.40 13.93 9.29
CA ALA A 498 -26.83 14.55 10.47
C ALA A 498 -26.28 13.51 11.42
N GLU A 499 -26.77 12.31 11.26
CA GLU A 499 -26.28 11.18 12.09
C GLU A 499 -26.56 9.83 11.40
N LEU A 500 -25.82 8.80 11.83
CA LEU A 500 -26.09 7.45 11.36
C LEU A 500 -26.72 6.59 12.47
N PRO A 501 -27.56 5.60 12.12
CA PRO A 501 -28.14 4.64 13.09
C PRO A 501 -27.02 3.74 13.61
N LYS A 502 -26.86 3.66 14.91
CA LYS A 502 -25.83 2.88 15.51
C LYS A 502 -26.33 2.14 16.73
N THR A 503 -25.63 1.05 17.06
CA THR A 503 -25.81 0.41 18.38
C THR A 503 -25.12 1.28 19.45
N ALA A 504 -25.35 0.98 20.72
CA ALA A 504 -24.71 1.76 21.81
C ALA A 504 -23.16 1.62 21.87
N THR A 505 -22.60 0.71 21.11
CA THR A 505 -21.18 0.48 20.95
C THR A 505 -20.58 1.34 19.78
N GLY A 506 -21.49 1.97 19.03
CA GLY A 506 -21.10 2.77 17.86
C GLY A 506 -21.03 2.01 16.60
N LYS A 507 -21.51 0.75 16.58
CA LYS A 507 -21.49 -0.01 15.35
C LYS A 507 -22.62 0.54 14.44
N ILE A 508 -22.30 0.81 13.20
CA ILE A 508 -23.34 1.33 12.28
C ILE A 508 -24.34 0.20 11.98
N GLN A 509 -25.64 0.46 12.15
CA GLN A 509 -26.68 -0.46 11.74
C GLN A 509 -26.99 -0.34 10.27
N ARG A 510 -26.17 -1.01 9.48
CA ARG A 510 -26.26 -0.90 8.02
C ARG A 510 -27.60 -1.34 7.48
N PHE A 511 -28.16 -2.30 8.17
CA PHE A 511 -29.46 -2.85 7.78
C PHE A 511 -30.56 -1.80 7.80
N LYS A 512 -30.46 -0.86 8.72
CA LYS A 512 -31.42 0.25 8.78
C LYS A 512 -31.25 1.20 7.61
N LEU A 513 -30.04 1.34 7.09
CA LEU A 513 -29.84 2.16 5.93
C LEU A 513 -30.39 1.48 4.69
N ARG A 514 -30.27 0.17 4.59
CA ARG A 514 -30.94 -0.51 3.46
C ARG A 514 -32.45 -0.42 3.53
N GLU A 515 -33.00 -0.43 4.75
CA GLU A 515 -34.45 -0.36 4.97
C GLU A 515 -35.04 1.05 4.84
N GLY A 516 -34.21 2.02 4.48
CA GLY A 516 -34.66 3.37 4.18
C GLY A 516 -34.82 4.34 5.34
N VAL A 517 -34.38 3.97 6.56
CA VAL A 517 -34.59 4.86 7.72
C VAL A 517 -34.14 6.31 7.50
N LEU A 518 -33.18 6.48 6.58
CA LEU A 518 -32.75 7.80 6.16
C LEU A 518 -33.08 7.86 4.67
N VAL B 1 30.93 8.52 31.23
CA VAL B 1 29.54 8.22 31.60
C VAL B 1 29.50 6.77 32.06
N THR B 2 28.82 6.52 33.16
CA THR B 2 28.76 5.12 33.63
C THR B 2 27.73 4.29 32.83
N PRO B 3 28.07 3.04 32.47
CA PRO B 3 27.13 2.23 31.69
C PRO B 3 25.92 1.90 32.53
N PRO B 4 24.76 1.75 31.86
CA PRO B 4 23.59 1.37 32.55
C PRO B 4 23.76 -0.03 33.17
N PRO B 5 23.05 -0.30 34.26
CA PRO B 5 23.09 -1.68 34.83
C PRO B 5 22.48 -2.69 33.88
N GLU B 6 22.84 -3.98 34.06
CA GLU B 6 22.32 -5.01 33.18
C GLU B 6 20.78 -5.16 33.30
N LYS B 7 20.23 -4.98 34.48
CA LYS B 7 18.76 -4.91 34.67
C LYS B 7 18.42 -3.46 34.57
N PHE B 8 17.67 -3.10 33.53
CA PHE B 8 17.43 -1.69 33.24
C PHE B 8 16.19 -1.60 32.40
N ASN B 9 15.28 -0.77 32.87
CA ASN B 9 14.12 -0.34 32.15
C ASN B 9 14.22 1.16 31.96
N PHE B 10 14.24 1.60 30.69
CA PHE B 10 14.47 3.03 30.43
C PHE B 10 13.37 3.96 30.95
N ALA B 11 12.10 3.51 30.93
CA ALA B 11 11.03 4.33 31.42
C ALA B 11 11.22 4.49 32.90
N GLU B 12 11.50 3.39 33.57
CA GLU B 12 11.69 3.42 35.06
C GLU B 12 12.88 4.34 35.40
N HIS B 13 13.94 4.26 34.61
CA HIS B 13 15.07 5.19 34.74
C HIS B 13 14.65 6.61 34.68
N LEU B 14 13.84 7.01 33.71
CA LEU B 14 13.44 8.40 33.61
C LEU B 14 12.46 8.83 34.70
N LEU B 15 11.57 7.93 35.10
CA LEU B 15 10.67 8.25 36.18
C LEU B 15 11.50 8.38 37.49
N GLN B 16 12.46 7.51 37.67
CA GLN B 16 13.24 7.50 38.95
C GLN B 16 13.98 8.83 39.05
N THR B 17 14.54 9.23 37.91
CA THR B 17 15.35 10.47 37.86
C THR B 17 14.60 11.67 38.39
N ASN B 18 13.31 11.75 38.16
CA ASN B 18 12.51 12.91 38.42
C ASN B 18 11.62 12.83 39.67
N ARG B 19 11.86 11.81 40.48
CA ARG B 19 11.17 11.69 41.79
C ARG B 19 11.59 12.81 42.72
N VAL B 20 12.68 13.50 42.40
CA VAL B 20 13.11 14.67 43.19
C VAL B 20 12.36 15.92 42.87
N ARG B 21 11.62 15.94 41.75
CA ARG B 21 10.94 17.10 41.32
C ARG B 21 9.51 16.84 40.88
N PRO B 22 8.71 16.23 41.79
CA PRO B 22 7.33 15.85 41.42
C PRO B 22 6.45 16.93 40.87
N ASP B 23 6.55 18.15 41.41
CA ASP B 23 5.65 19.19 41.02
C ASP B 23 6.16 20.11 39.95
N LYS B 24 7.36 19.88 39.41
CA LYS B 24 7.83 20.69 38.31
C LYS B 24 7.06 20.24 37.04
N THR B 25 6.82 21.16 36.13
CA THR B 25 6.21 20.80 34.85
C THR B 25 7.16 19.94 34.00
N ALA B 26 6.66 18.81 33.55
CA ALA B 26 7.43 17.86 32.70
C ALA B 26 7.12 18.22 31.25
N PHE B 27 5.83 18.30 30.92
CA PHE B 27 5.35 18.58 29.55
C PHE B 27 4.19 19.51 29.55
N VAL B 28 4.21 20.42 28.65
CA VAL B 28 3.10 21.32 28.50
C VAL B 28 2.81 21.46 27.00
N ASP B 29 1.53 21.50 26.63
CA ASP B 29 1.16 21.80 25.21
C ASP B 29 0.05 22.87 25.18
N ASP B 30 -0.61 23.04 24.05
CA ASP B 30 -1.59 24.12 23.91
C ASP B 30 -2.79 23.90 24.87
N ILE B 31 -3.01 22.70 25.32
CA ILE B 31 -4.19 22.53 26.12
C ILE B 31 -4.00 21.89 27.46
N SER B 32 -2.85 21.31 27.75
CA SER B 32 -2.72 20.54 28.99
C SER B 32 -1.27 20.62 29.48
N SER B 33 -1.07 20.16 30.71
CA SER B 33 0.25 20.12 31.28
C SER B 33 0.31 18.95 32.18
N LEU B 34 1.50 18.42 32.34
CA LEU B 34 1.74 17.32 33.22
C LEU B 34 2.98 17.63 34.03
N SER B 35 2.84 17.54 35.35
CA SER B 35 4.01 17.58 36.22
C SER B 35 4.72 16.24 36.11
N PHE B 36 5.95 16.17 36.60
CA PHE B 36 6.65 14.91 36.69
C PHE B 36 5.85 13.83 37.42
N ALA B 37 5.24 14.22 38.55
CA ALA B 37 4.44 13.21 39.30
C ALA B 37 3.18 12.77 38.48
N GLN B 38 2.51 13.70 37.81
CA GLN B 38 1.30 13.35 37.04
C GLN B 38 1.71 12.49 35.82
N LEU B 39 2.88 12.83 35.25
CA LEU B 39 3.45 11.97 34.18
C LEU B 39 3.73 10.53 34.63
N GLU B 40 4.34 10.35 35.79
CA GLU B 40 4.62 9.04 36.30
C GLU B 40 3.33 8.25 36.49
N ALA B 41 2.37 8.86 37.09
CA ALA B 41 1.08 8.19 37.36
C ALA B 41 0.43 7.74 36.06
N GLN B 42 0.29 8.67 35.14
CA GLN B 42 -0.34 8.36 33.85
C GLN B 42 0.40 7.32 33.09
N THR B 43 1.73 7.39 33.12
CA THR B 43 2.58 6.40 32.49
C THR B 43 2.36 5.01 33.04
N ARG B 44 2.33 4.90 34.36
CA ARG B 44 2.20 3.60 34.93
C ARG B 44 0.71 3.08 34.83
N GLN B 45 -0.25 3.94 34.80
CA GLN B 45 -1.65 3.54 34.54
C GLN B 45 -1.79 3.04 33.10
N LEU B 46 -1.16 3.77 32.17
N LEU B 46 -1.19 3.75 32.13
CA LEU B 46 -1.15 3.36 30.79
CA LEU B 46 -1.25 3.27 30.76
C LEU B 46 -0.54 1.98 30.62
C LEU B 46 -0.54 1.92 30.59
N ALA B 47 0.58 1.76 31.29
CA ALA B 47 1.28 0.51 31.30
C ALA B 47 0.32 -0.62 31.77
N ALA B 48 -0.43 -0.35 32.83
CA ALA B 48 -1.38 -1.37 33.36
C ALA B 48 -2.51 -1.62 32.36
N ALA B 49 -2.95 -0.57 31.71
CA ALA B 49 -4.06 -0.59 30.78
C ALA B 49 -3.70 -1.44 29.53
N LEU B 50 -2.47 -1.25 28.99
CA LEU B 50 -2.01 -2.10 27.93
C LEU B 50 -1.97 -3.56 28.34
N ARG B 51 -1.46 -3.86 29.52
CA ARG B 51 -1.43 -5.23 29.94
C ARG B 51 -2.85 -5.78 30.10
N ALA B 52 -3.79 -4.97 30.58
CA ALA B 52 -5.19 -5.41 30.83
C ALA B 52 -5.95 -5.72 29.52
N ILE B 53 -5.48 -5.17 28.39
CA ILE B 53 -6.08 -5.57 27.14
C ILE B 53 -5.33 -6.67 26.48
N GLY B 54 -4.39 -7.30 27.16
CA GLY B 54 -3.75 -8.52 26.75
C GLY B 54 -2.46 -8.34 25.96
N VAL B 55 -1.92 -7.10 25.89
CA VAL B 55 -0.61 -6.96 25.17
C VAL B 55 0.51 -7.44 26.09
N LYS B 56 1.36 -8.30 25.56
CA LYS B 56 2.39 -8.96 26.30
C LYS B 56 3.75 -8.32 26.17
N ARG B 57 4.61 -8.64 27.13
CA ARG B 57 6.00 -8.22 27.01
C ARG B 57 6.54 -8.60 25.66
N GLU B 58 7.28 -7.65 25.08
CA GLU B 58 7.95 -7.82 23.77
C GLU B 58 7.06 -7.63 22.56
N GLU B 59 5.75 -7.65 22.74
CA GLU B 59 4.83 -7.32 21.64
C GLU B 59 4.92 -5.81 21.28
N ARG B 60 4.63 -5.50 20.02
CA ARG B 60 4.61 -4.11 19.57
C ARG B 60 3.25 -3.44 19.71
N VAL B 61 3.23 -2.09 19.84
CA VAL B 61 2.09 -1.29 19.62
C VAL B 61 2.51 -0.12 18.71
N LEU B 62 1.61 0.30 17.85
CA LEU B 62 1.85 1.42 16.96
C LEU B 62 1.52 2.70 17.70
N LEU B 63 2.43 3.66 17.68
CA LEU B 63 2.23 4.99 18.31
C LEU B 63 2.23 6.01 17.15
N LEU B 64 1.04 6.43 16.80
CA LEU B 64 0.76 7.30 15.65
C LEU B 64 0.05 8.54 16.20
N MET B 65 0.84 9.46 16.72
CA MET B 65 0.31 10.56 17.54
C MET B 65 1.05 11.86 17.28
N LEU B 66 0.29 12.93 17.22
CA LEU B 66 0.80 14.29 17.18
C LEU B 66 1.50 14.63 18.52
N ASP B 67 2.46 15.55 18.47
CA ASP B 67 3.15 15.97 19.68
C ASP B 67 2.09 16.59 20.65
N GLY B 68 2.10 16.12 21.88
CA GLY B 68 1.36 16.68 22.97
C GLY B 68 1.60 15.80 24.17
N THR B 69 1.02 16.19 25.31
CA THR B 69 1.31 15.51 26.56
C THR B 69 1.00 14.00 26.59
N ASP B 70 0.07 13.52 25.75
CA ASP B 70 -0.26 12.11 25.76
C ASP B 70 0.88 11.27 25.11
N TRP B 71 1.65 11.94 24.24
CA TRP B 71 2.72 11.21 23.50
C TRP B 71 3.76 10.58 24.41
N PRO B 72 4.36 11.35 25.38
CA PRO B 72 5.27 10.66 26.24
C PRO B 72 4.63 9.64 27.18
N VAL B 73 3.38 9.89 27.54
CA VAL B 73 2.62 8.89 28.32
C VAL B 73 2.48 7.57 27.58
N ALA B 74 2.16 7.63 26.28
CA ALA B 74 2.07 6.43 25.49
C ALA B 74 3.42 5.71 25.34
N PHE B 75 4.45 6.50 25.00
CA PHE B 75 5.77 5.98 24.78
C PHE B 75 6.38 5.33 26.02
N LEU B 76 6.41 6.11 27.09
CA LEU B 76 6.99 5.63 28.28
C LEU B 76 6.10 4.54 28.94
N GLY B 77 4.80 4.66 28.80
CA GLY B 77 3.88 3.65 29.40
C GLY B 77 4.06 2.28 28.80
N ALA B 78 4.14 2.20 27.45
CA ALA B 78 4.52 0.97 26.79
C ALA B 78 5.82 0.39 27.31
N ILE B 79 6.88 1.24 27.30
CA ILE B 79 8.18 0.82 27.68
C ILE B 79 8.20 0.33 29.15
N TYR B 80 7.45 1.02 30.03
CA TYR B 80 7.41 0.64 31.48
C TYR B 80 6.82 -0.79 31.62
N ALA B 81 5.85 -1.07 30.77
CA ALA B 81 5.23 -2.46 30.68
C ALA B 81 6.08 -3.51 29.95
N GLY B 82 7.19 -3.11 29.36
CA GLY B 82 7.99 -3.99 28.52
C GLY B 82 7.37 -4.29 27.17
N ILE B 83 6.45 -3.44 26.74
CA ILE B 83 5.80 -3.48 25.42
C ILE B 83 6.57 -2.49 24.53
N VAL B 84 6.72 -2.83 23.27
CA VAL B 84 7.62 -2.08 22.35
C VAL B 84 6.81 -1.10 21.49
N PRO B 85 6.80 0.20 21.83
CA PRO B 85 6.09 1.16 20.97
C PRO B 85 6.90 1.37 19.64
N VAL B 86 6.18 1.46 18.54
CA VAL B 86 6.70 1.71 17.26
C VAL B 86 6.23 3.09 16.90
N ALA B 87 7.13 4.05 17.02
CA ALA B 87 6.78 5.45 16.91
C ALA B 87 6.94 5.92 15.49
N VAL B 88 5.86 6.42 14.88
CA VAL B 88 5.85 6.68 13.42
C VAL B 88 5.42 8.06 13.03
N ASN B 89 5.96 8.45 11.89
CA ASN B 89 5.62 9.70 11.26
C ASN B 89 4.12 9.85 11.07
N THR B 90 3.59 11.04 11.38
CA THR B 90 2.16 11.35 11.34
C THR B 90 1.62 11.86 9.99
N LEU B 91 2.50 12.00 8.98
CA LEU B 91 2.12 12.56 7.70
C LEU B 91 2.07 11.50 6.58
N LEU B 92 2.07 10.22 6.93
CA LEU B 92 2.11 9.16 5.93
C LEU B 92 0.72 8.80 5.40
N THR B 93 0.73 7.93 4.38
CA THR B 93 -0.49 7.46 3.81
C THR B 93 -1.06 6.23 4.48
N ALA B 94 -2.29 5.91 4.12
CA ALA B 94 -2.91 4.65 4.57
C ALA B 94 -2.13 3.43 4.13
N ASP B 95 -1.56 3.48 2.92
CA ASP B 95 -0.74 2.35 2.43
C ASP B 95 0.53 2.18 3.28
N ASP B 96 1.13 3.33 3.64
CA ASP B 96 2.27 3.34 4.47
C ASP B 96 2.02 2.68 5.83
N TYR B 97 0.92 3.10 6.47
CA TYR B 97 0.58 2.54 7.78
C TYR B 97 0.16 1.06 7.69
N ALA B 98 -0.49 0.69 6.62
CA ALA B 98 -0.93 -0.68 6.45
C ALA B 98 0.29 -1.61 6.56
N TYR B 99 1.34 -1.23 5.85
CA TYR B 99 2.58 -1.99 5.89
C TYR B 99 3.20 -2.03 7.29
N MET B 100 3.24 -0.89 7.98
CA MET B 100 3.81 -0.83 9.31
C MET B 100 3.02 -1.72 10.26
N LEU B 101 1.67 -1.72 10.12
CA LEU B 101 0.89 -2.58 11.01
C LEU B 101 1.22 -4.09 10.79
N GLU B 102 1.29 -4.48 9.51
CA GLU B 102 1.64 -5.83 9.15
C GLU B 102 3.03 -6.27 9.62
N HIS B 103 4.01 -5.44 9.28
CA HIS B 103 5.39 -5.75 9.60
C HIS B 103 5.71 -5.75 11.08
N SER B 104 5.16 -4.75 11.82
CA SER B 104 5.40 -4.68 13.23
C SER B 104 4.55 -5.69 14.02
N ARG B 105 3.48 -6.21 13.39
CA ARG B 105 2.49 -7.07 14.09
C ARG B 105 1.94 -6.36 15.31
N ALA B 106 1.70 -5.05 15.16
CA ALA B 106 1.22 -4.26 16.33
C ALA B 106 -0.08 -4.85 16.84
N GLN B 107 -0.17 -4.99 18.14
CA GLN B 107 -1.35 -5.56 18.82
C GLN B 107 -2.34 -4.50 19.24
N ALA B 108 -1.93 -3.25 19.24
CA ALA B 108 -2.79 -2.15 19.54
C ALA B 108 -2.21 -0.93 18.89
N VAL B 109 -3.05 0.08 18.73
CA VAL B 109 -2.61 1.38 18.12
C VAL B 109 -3.04 2.48 19.10
N LEU B 110 -2.11 3.42 19.35
CA LEU B 110 -2.39 4.64 20.08
C LEU B 110 -2.29 5.76 19.08
N VAL B 111 -3.40 6.41 18.83
CA VAL B 111 -3.60 7.33 17.72
C VAL B 111 -4.23 8.67 18.12
N SER B 112 -3.75 9.75 17.53
CA SER B 112 -4.44 11.03 17.63
C SER B 112 -5.73 11.03 16.81
N GLY B 113 -6.80 11.65 17.36
CA GLY B 113 -8.05 11.74 16.61
C GLY B 113 -7.93 12.28 15.21
N ALA B 114 -7.07 13.26 15.03
CA ALA B 114 -6.86 13.82 13.73
C ALA B 114 -6.32 12.80 12.70
N LEU B 115 -5.66 11.76 13.20
CA LEU B 115 -5.08 10.75 12.34
C LEU B 115 -5.94 9.49 12.25
N HIS B 116 -7.12 9.51 12.88
CA HIS B 116 -7.95 8.31 12.87
C HIS B 116 -8.45 7.96 11.44
N PRO B 117 -8.77 8.96 10.56
CA PRO B 117 -9.22 8.53 9.23
C PRO B 117 -8.20 7.72 8.45
N VAL B 118 -6.97 8.20 8.46
CA VAL B 118 -5.91 7.47 7.73
C VAL B 118 -5.64 6.10 8.38
N LEU B 119 -5.67 6.01 9.68
CA LEU B 119 -5.55 4.74 10.38
C LEU B 119 -6.68 3.78 10.03
N LYS B 120 -7.92 4.30 10.04
CA LYS B 120 -9.03 3.47 9.67
C LYS B 120 -8.88 2.83 8.29
N ALA B 121 -8.43 3.64 7.32
CA ALA B 121 -8.18 3.13 5.98
C ALA B 121 -7.09 2.07 6.00
N ALA B 122 -6.01 2.25 6.78
CA ALA B 122 -4.95 1.25 6.88
C ALA B 122 -5.48 -0.01 7.52
N LEU B 123 -6.31 0.12 8.57
CA LEU B 123 -6.86 -1.08 9.22
C LEU B 123 -7.79 -1.89 8.29
N THR B 124 -8.53 -1.20 7.43
CA THR B 124 -9.48 -1.84 6.50
C THR B 124 -8.75 -2.68 5.49
N LYS B 125 -7.59 -2.21 5.00
CA LYS B 125 -6.98 -2.87 3.84
C LYS B 125 -5.91 -3.89 4.20
N SER B 126 -5.50 -3.93 5.45
CA SER B 126 -4.26 -4.63 5.82
C SER B 126 -4.58 -5.96 6.55
N ASP B 127 -3.59 -6.84 6.55
CA ASP B 127 -3.66 -8.12 7.31
C ASP B 127 -2.97 -7.88 8.66
N HIS B 128 -3.63 -7.03 9.44
CA HIS B 128 -3.05 -6.55 10.66
C HIS B 128 -3.49 -7.48 11.81
N GLU B 129 -2.92 -7.25 12.98
CA GLU B 129 -3.29 -7.96 14.21
C GLU B 129 -3.72 -7.02 15.36
N VAL B 130 -4.28 -5.91 15.01
CA VAL B 130 -4.63 -4.87 16.01
C VAL B 130 -5.93 -5.32 16.72
N GLN B 131 -5.88 -5.39 18.04
CA GLN B 131 -7.00 -5.78 18.90
C GLN B 131 -7.80 -4.60 19.38
N ARG B 132 -7.12 -3.47 19.69
CA ARG B 132 -7.69 -2.30 20.25
C ARG B 132 -7.02 -1.05 19.71
N VAL B 133 -7.84 -0.01 19.59
CA VAL B 133 -7.40 1.36 19.16
C VAL B 133 -7.75 2.31 20.30
N ILE B 134 -6.69 3.00 20.79
N ILE B 134 -6.70 2.99 20.79
CA ILE B 134 -6.78 3.99 21.85
CA ILE B 134 -6.85 3.97 21.82
C ILE B 134 -6.65 5.36 21.21
C ILE B 134 -6.66 5.35 21.21
N VAL B 135 -7.69 6.17 21.34
CA VAL B 135 -7.75 7.42 20.61
C VAL B 135 -7.53 8.61 21.51
N SER B 136 -6.41 9.32 21.27
CA SER B 136 -6.13 10.55 21.99
C SER B 136 -6.80 11.71 21.31
N ARG B 137 -7.68 12.46 22.02
CA ARG B 137 -8.43 13.58 21.46
C ARG B 137 -9.19 13.11 20.18
N PRO B 138 -10.20 12.29 20.37
CA PRO B 138 -11.07 11.88 19.22
C PRO B 138 -11.78 13.03 18.56
N ALA B 139 -11.85 13.02 17.22
CA ALA B 139 -12.45 14.05 16.41
C ALA B 139 -13.61 13.51 15.62
N ALA B 140 -14.05 12.34 16.01
CA ALA B 140 -15.22 11.62 15.38
C ALA B 140 -15.69 10.55 16.37
N PRO B 141 -16.92 10.05 16.19
CA PRO B 141 -17.43 9.00 17.11
C PRO B 141 -16.55 7.77 17.12
N LEU B 142 -16.37 7.25 18.31
CA LEU B 142 -15.63 6.00 18.50
C LEU B 142 -16.34 4.78 17.91
N GLU B 143 -15.55 3.91 17.29
CA GLU B 143 -16.06 2.65 16.76
C GLU B 143 -15.91 1.51 17.81
N PRO B 144 -16.59 0.39 17.59
CA PRO B 144 -16.38 -0.67 18.53
C PRO B 144 -14.91 -1.13 18.63
N GLY B 145 -14.41 -1.39 19.85
CA GLY B 145 -12.97 -1.70 20.02
C GLY B 145 -12.10 -0.42 20.25
N GLU B 146 -12.68 0.76 20.09
CA GLU B 146 -11.89 1.97 20.28
C GLU B 146 -12.21 2.52 21.63
N VAL B 147 -11.26 3.21 22.22
CA VAL B 147 -11.49 3.84 23.52
C VAL B 147 -10.76 5.14 23.60
N ASP B 148 -11.34 6.11 24.30
CA ASP B 148 -10.66 7.37 24.55
C ASP B 148 -9.43 7.19 25.43
N PHE B 149 -8.37 7.89 25.08
CA PHE B 149 -7.11 7.72 25.74
C PHE B 149 -7.23 8.05 27.22
N ALA B 150 -7.85 9.16 27.51
CA ALA B 150 -7.90 9.60 28.95
C ALA B 150 -8.76 8.56 29.71
N GLU B 151 -9.85 8.09 29.09
CA GLU B 151 -10.67 7.03 29.74
C GLU B 151 -9.91 5.76 29.99
N PHE B 152 -9.07 5.33 29.01
CA PHE B 152 -8.30 4.13 29.10
C PHE B 152 -7.28 4.23 30.22
N VAL B 153 -6.52 5.35 30.26
CA VAL B 153 -5.57 5.59 31.34
C VAL B 153 -6.34 5.69 32.68
N GLY B 154 -7.44 6.38 32.68
CA GLY B 154 -8.16 6.67 33.97
C GLY B 154 -8.81 5.42 34.55
N ALA B 155 -8.94 4.39 33.76
CA ALA B 155 -9.60 3.12 34.17
C ALA B 155 -8.71 2.10 34.84
N HIS B 156 -7.39 2.35 34.94
CA HIS B 156 -6.49 1.40 35.53
C HIS B 156 -5.61 2.04 36.59
N ALA B 157 -5.33 1.31 37.67
CA ALA B 157 -4.41 1.81 38.67
C ALA B 157 -2.99 1.62 38.13
N PRO B 158 -2.02 2.35 38.73
CA PRO B 158 -0.64 2.25 38.24
C PRO B 158 -0.12 0.91 38.36
N LEU B 159 0.54 0.43 37.32
CA LEU B 159 1.26 -0.81 37.38
C LEU B 159 2.35 -0.72 38.49
N GLU B 160 2.48 -1.80 39.25
CA GLU B 160 3.21 -1.76 40.51
C GLU B 160 4.74 -1.64 40.29
N LYS B 161 5.26 -2.37 39.33
CA LYS B 161 6.67 -2.48 39.04
C LYS B 161 6.80 -2.51 37.49
N PRO B 162 7.91 -1.97 36.96
CA PRO B 162 8.11 -2.10 35.50
C PRO B 162 8.41 -3.53 35.14
N ALA B 163 8.21 -3.87 33.87
CA ALA B 163 8.80 -5.10 33.39
C ALA B 163 10.28 -5.21 33.70
N ALA B 164 10.73 -6.41 34.06
CA ALA B 164 12.13 -6.68 34.42
C ALA B 164 13.01 -6.85 33.19
N THR B 165 13.12 -5.77 32.42
CA THR B 165 13.92 -5.82 31.20
C THR B 165 15.38 -5.68 31.46
N GLN B 166 16.16 -6.05 30.47
CA GLN B 166 17.56 -5.86 30.47
C GLN B 166 17.93 -4.67 29.57
N ALA B 167 19.04 -4.06 29.87
CA ALA B 167 19.57 -2.90 29.09
C ALA B 167 19.58 -3.20 27.61
N ASP B 168 20.02 -4.41 27.24
CA ASP B 168 20.10 -4.80 25.84
C ASP B 168 18.81 -5.35 25.21
N ASP B 169 17.70 -5.39 25.95
CA ASP B 169 16.47 -5.85 25.40
C ASP B 169 15.91 -4.73 24.47
N PRO B 170 15.24 -5.15 23.38
CA PRO B 170 14.46 -4.13 22.62
C PRO B 170 13.55 -3.33 23.48
N ALA B 171 13.52 -2.02 23.21
CA ALA B 171 12.68 -1.08 23.93
C ALA B 171 11.63 -0.42 23.02
N PHE B 172 12.05 -0.02 21.83
CA PHE B 172 11.16 0.67 20.90
C PHE B 172 11.70 0.60 19.47
N TRP B 173 10.83 0.86 18.48
CA TRP B 173 11.24 0.89 17.09
C TRP B 173 10.97 2.27 16.51
N LEU B 174 11.77 2.63 15.53
CA LEU B 174 11.53 3.72 14.60
C LEU B 174 11.63 3.13 13.20
N TYR B 175 10.95 3.72 12.22
CA TYR B 175 11.08 3.25 10.85
C TYR B 175 12.03 4.17 10.06
N SER B 176 12.85 3.61 9.20
CA SER B 176 13.77 4.36 8.39
C SER B 176 13.55 4.01 6.90
N SER B 177 13.31 5.02 6.10
CA SER B 177 13.13 4.89 4.65
C SER B 177 14.43 4.77 3.92
N GLY B 178 14.44 3.97 2.88
CA GLY B 178 15.66 3.72 2.06
C GLY B 178 15.33 4.12 0.65
N SER B 179 16.28 3.98 -0.29
CA SER B 179 15.98 4.52 -1.63
C SER B 179 14.96 3.66 -2.37
N THR B 180 14.99 2.36 -2.10
CA THR B 180 14.00 1.42 -2.61
C THR B 180 13.59 0.48 -1.45
N GLY B 181 12.50 -0.20 -1.67
CA GLY B 181 12.06 -1.21 -0.72
C GLY B 181 11.29 -0.63 0.42
N ARG B 182 10.79 -1.55 1.28
CA ARG B 182 9.98 -1.12 2.40
C ARG B 182 10.81 -0.30 3.41
N PRO B 183 10.15 0.54 4.16
CA PRO B 183 10.88 1.15 5.28
C PRO B 183 11.31 0.08 6.28
N LYS B 184 12.46 0.32 6.97
CA LYS B 184 13.06 -0.65 7.83
C LYS B 184 12.75 -0.37 9.30
N GLY B 185 12.42 -1.42 10.02
CA GLY B 185 12.10 -1.33 11.41
C GLY B 185 13.38 -1.36 12.26
N VAL B 186 13.78 -0.19 12.74
CA VAL B 186 15.04 -0.03 13.48
C VAL B 186 14.78 -0.29 14.93
N VAL B 187 15.47 -1.30 15.44
CA VAL B 187 15.24 -1.77 16.78
C VAL B 187 16.18 -1.16 17.80
N HIS B 188 15.63 -0.38 18.70
CA HIS B 188 16.42 0.27 19.75
C HIS B 188 16.22 -0.42 21.10
N THR B 189 17.32 -0.46 21.87
CA THR B 189 17.27 -1.05 23.17
C THR B 189 17.01 -0.05 24.30
N HIS B 190 16.78 -0.58 25.53
CA HIS B 190 16.66 0.27 26.71
C HIS B 190 17.92 1.16 26.94
N ALA B 191 19.10 0.62 26.63
CA ALA B 191 20.36 1.31 26.86
C ALA B 191 20.50 2.47 25.89
N ASN B 192 20.03 2.31 24.67
CA ASN B 192 20.37 3.29 23.64
C ASN B 192 20.01 4.75 23.97
N PRO B 193 18.77 5.06 24.41
CA PRO B 193 18.44 6.46 24.71
C PRO B 193 19.08 6.97 26.02
N TYR B 194 19.53 6.03 26.90
CA TYR B 194 20.41 6.44 28.03
C TYR B 194 21.70 7.02 27.48
N TRP B 195 22.34 6.33 26.57
CA TRP B 195 23.60 6.80 25.97
C TRP B 195 23.48 8.11 25.22
N THR B 196 22.47 8.26 24.36
CA THR B 196 22.31 9.54 23.66
C THR B 196 22.07 10.68 24.68
N SER B 197 21.20 10.44 25.65
CA SER B 197 20.82 11.52 26.56
C SER B 197 21.99 11.96 27.44
N GLU B 198 22.89 11.01 27.76
CA GLU B 198 24.08 11.33 28.61
C GLU B 198 25.21 11.96 27.72
N LEU B 199 25.50 11.32 26.61
CA LEU B 199 26.64 11.73 25.78
C LEU B 199 26.36 13.02 25.03
N TYR B 200 25.12 13.15 24.56
CA TYR B 200 24.76 14.33 23.75
C TYR B 200 23.98 15.38 24.55
N GLY B 201 22.84 14.97 25.10
CA GLY B 201 21.99 15.87 25.77
C GLY B 201 22.63 16.54 26.97
N ARG B 202 23.23 15.73 27.85
CA ARG B 202 23.90 16.29 29.01
C ARG B 202 25.32 16.77 28.67
N ASN B 203 26.13 15.90 28.14
CA ASN B 203 27.59 16.16 28.02
C ASN B 203 28.02 17.05 26.88
N THR B 204 27.15 17.22 25.84
CA THR B 204 27.51 18.02 24.72
C THR B 204 26.71 19.33 24.72
N LEU B 205 25.36 19.25 24.79
CA LEU B 205 24.51 20.38 24.85
C LEU B 205 24.46 21.03 26.24
N HIS B 206 24.84 20.31 27.30
CA HIS B 206 24.72 20.82 28.68
C HIS B 206 23.31 21.26 28.98
N LEU B 207 22.34 20.48 28.59
CA LEU B 207 20.99 20.74 29.05
C LEU B 207 20.91 20.70 30.56
N ARG B 208 20.04 21.48 31.14
CA ARG B 208 19.95 21.55 32.58
C ARG B 208 18.51 21.65 33.05
N GLU B 209 18.32 21.42 34.34
CA GLU B 209 16.96 21.41 34.93
C GLU B 209 16.14 22.67 34.67
N ASP B 210 16.75 23.84 34.62
CA ASP B 210 16.00 25.02 34.42
C ASP B 210 15.70 25.40 32.99
N ASP B 211 16.12 24.54 32.05
CA ASP B 211 15.76 24.77 30.69
C ASP B 211 14.28 24.51 30.38
N VAL B 212 13.85 25.13 29.32
CA VAL B 212 12.56 24.85 28.68
C VAL B 212 12.91 24.43 27.25
N CYS B 213 12.66 23.16 26.92
CA CYS B 213 13.00 22.64 25.58
C CYS B 213 11.83 22.68 24.63
N PHE B 214 12.10 23.07 23.39
CA PHE B 214 11.05 23.16 22.35
C PHE B 214 11.67 22.77 21.02
N SER B 215 11.14 21.67 20.46
CA SER B 215 11.68 21.11 19.22
C SER B 215 10.67 21.21 18.08
N ALA B 216 11.06 21.85 17.00
CA ALA B 216 10.17 21.91 15.79
C ALA B 216 10.10 20.48 15.18
N ALA B 217 11.19 19.71 15.38
CA ALA B 217 11.20 18.30 15.04
C ALA B 217 10.33 17.51 16.00
N LYS B 218 9.33 16.86 15.42
CA LYS B 218 8.35 16.07 16.20
C LYS B 218 8.97 14.88 16.92
N LEU B 219 8.22 14.37 17.91
CA LEU B 219 8.74 13.29 18.72
C LEU B 219 9.01 12.01 17.95
N PHE B 220 8.31 11.79 16.83
CA PHE B 220 8.54 10.57 16.09
C PHE B 220 9.90 10.56 15.39
N PHE B 221 10.47 11.73 15.20
CA PHE B 221 11.79 11.81 14.59
C PHE B 221 12.79 11.36 15.69
N ALA B 222 13.79 10.55 15.34
CA ALA B 222 14.83 10.29 16.35
C ALA B 222 15.38 11.58 16.96
N TYR B 223 15.64 12.57 16.10
CA TYR B 223 16.15 13.85 16.55
C TYR B 223 15.22 14.46 17.63
N GLY B 224 13.92 14.52 17.33
CA GLY B 224 12.95 15.12 18.24
C GLY B 224 12.71 14.29 19.49
N LEU B 225 12.75 12.98 19.35
CA LEU B 225 12.58 12.07 20.54
C LEU B 225 13.63 12.35 21.59
N GLY B 226 14.88 12.62 21.16
CA GLY B 226 15.87 13.04 22.12
C GLY B 226 15.58 14.44 22.59
N ASN B 227 15.47 15.39 21.65
CA ASN B 227 15.32 16.80 22.00
C ASN B 227 14.26 17.14 23.01
N ALA B 228 13.11 16.46 22.88
CA ALA B 228 11.84 16.90 23.55
C ALA B 228 11.30 15.79 24.39
N LEU B 229 12.08 14.74 24.58
CA LEU B 229 11.66 13.68 25.54
C LEU B 229 12.82 13.13 26.34
N THR B 230 13.69 12.34 25.73
CA THR B 230 14.71 11.69 26.51
C THR B 230 15.72 12.66 27.15
N PHE B 231 16.19 13.66 26.39
CA PHE B 231 17.07 14.65 26.91
C PHE B 231 16.50 15.46 28.10
N PRO B 232 15.37 16.18 27.92
CA PRO B 232 14.84 16.94 29.02
C PRO B 232 14.51 16.09 30.22
N MET B 233 14.02 14.89 30.02
N MET B 233 14.03 14.87 30.03
CA MET B 233 13.66 14.10 31.20
CA MET B 233 13.67 14.00 31.19
C MET B 233 14.90 13.63 31.97
C MET B 233 14.90 13.47 31.94
N THR B 234 16.03 13.48 31.27
CA THR B 234 17.29 13.01 31.85
C THR B 234 17.82 14.05 32.84
N VAL B 235 17.58 15.31 32.55
CA VAL B 235 18.03 16.45 33.41
C VAL B 235 16.98 17.17 34.23
N GLY B 236 15.69 16.82 34.07
CA GLY B 236 14.63 17.53 34.74
C GLY B 236 14.11 18.80 34.10
N ALA B 237 14.46 19.08 32.83
CA ALA B 237 14.00 20.21 32.12
C ALA B 237 12.50 20.07 31.83
N THR B 238 11.87 21.21 31.63
CA THR B 238 10.49 21.33 31.20
C THR B 238 10.45 21.35 29.67
N THR B 239 9.49 20.62 29.12
CA THR B 239 9.33 20.55 27.67
C THR B 239 7.98 21.09 27.16
N LEU B 240 8.02 21.99 26.18
CA LEU B 240 6.91 22.52 25.43
C LEU B 240 6.70 21.65 24.17
N LEU B 241 5.47 21.17 23.99
CA LEU B 241 5.09 20.41 22.81
C LEU B 241 4.02 21.14 22.02
N MET B 242 4.03 20.94 20.70
CA MET B 242 3.11 21.64 19.81
C MET B 242 2.60 20.63 18.76
N GLY B 243 1.27 20.42 18.67
CA GLY B 243 0.68 19.52 17.65
C GLY B 243 0.80 19.96 16.21
N GLU B 244 0.64 21.26 16.01
CA GLU B 244 0.49 21.78 14.66
C GLU B 244 1.81 21.81 13.90
N ARG B 245 1.67 21.97 12.60
CA ARG B 245 2.81 22.13 11.73
C ARG B 245 3.71 23.31 12.12
N PRO B 246 5.03 23.07 12.18
CA PRO B 246 5.91 24.16 12.67
C PRO B 246 6.31 25.30 11.70
N THR B 247 5.38 26.19 11.42
CA THR B 247 5.70 27.36 10.61
C THR B 247 6.39 28.45 11.46
N PRO B 248 6.93 29.49 10.80
CA PRO B 248 7.56 30.57 11.54
C PRO B 248 6.63 31.17 12.53
N ASP B 249 5.38 31.51 12.15
CA ASP B 249 4.47 32.09 13.12
C ASP B 249 4.19 31.19 14.31
N ALA B 250 4.05 29.88 14.06
CA ALA B 250 3.73 28.99 15.11
C ALA B 250 4.92 28.92 16.11
N VAL B 251 6.11 28.87 15.55
CA VAL B 251 7.36 28.75 16.38
C VAL B 251 7.53 30.03 17.22
N PHE B 252 7.40 31.17 16.55
CA PHE B 252 7.55 32.51 17.18
C PHE B 252 6.59 32.69 18.34
N LYS B 253 5.33 32.34 18.12
CA LYS B 253 4.37 32.30 19.20
C LYS B 253 4.86 31.60 20.46
N ARG B 254 5.49 30.44 20.28
CA ARG B 254 5.99 29.72 21.47
C ARG B 254 7.26 30.35 22.01
N TRP B 255 8.14 30.81 21.14
CA TRP B 255 9.41 31.50 21.59
C TRP B 255 9.03 32.71 22.49
N LEU B 256 7.94 33.40 22.11
CA LEU B 256 7.46 34.61 22.85
C LEU B 256 6.67 34.29 24.10
N GLY B 257 6.44 33.02 24.45
CA GLY B 257 5.74 32.65 25.65
C GLY B 257 4.23 32.66 25.51
N GLY B 258 3.75 32.52 24.29
CA GLY B 258 2.34 32.45 23.97
C GLY B 258 1.68 31.20 24.45
N VAL B 259 2.41 30.18 24.87
CA VAL B 259 1.77 28.98 25.40
C VAL B 259 2.33 28.56 26.75
N GLY B 260 1.46 28.15 27.63
CA GLY B 260 1.89 27.54 28.87
C GLY B 260 2.56 28.44 29.88
N GLY B 261 2.57 29.74 29.63
CA GLY B 261 3.36 30.65 30.47
C GLY B 261 4.89 30.41 30.48
N VAL B 262 5.44 29.83 29.39
CA VAL B 262 6.87 29.41 29.35
C VAL B 262 7.47 29.88 28.05
N LYS B 263 8.68 30.40 28.16
CA LYS B 263 9.48 30.77 27.03
C LYS B 263 10.60 29.75 26.95
N PRO B 264 10.66 29.08 25.79
CA PRO B 264 11.77 28.21 25.54
C PRO B 264 13.12 28.86 25.73
N THR B 265 14.00 28.07 26.32
CA THR B 265 15.42 28.38 26.36
C THR B 265 16.25 27.60 25.39
N VAL B 266 15.76 26.44 24.96
CA VAL B 266 16.50 25.60 24.02
C VAL B 266 15.55 25.26 22.87
N PHE B 267 15.93 25.67 21.65
CA PHE B 267 15.18 25.34 20.45
C PHE B 267 15.97 24.36 19.59
N TYR B 268 15.23 23.53 18.86
CA TYR B 268 15.80 22.56 17.94
C TYR B 268 14.99 22.54 16.66
N GLY B 269 15.67 22.44 15.55
CA GLY B 269 14.97 22.36 14.25
C GLY B 269 15.88 22.14 13.09
N ALA B 270 15.27 22.04 11.88
CA ALA B 270 16.03 21.82 10.68
C ALA B 270 16.48 23.17 10.06
N PRO B 271 17.58 23.16 9.30
CA PRO B 271 18.01 24.39 8.59
C PRO B 271 16.89 25.03 7.78
N THR B 272 16.00 24.22 7.17
CA THR B 272 14.85 24.76 6.47
C THR B 272 14.02 25.71 7.28
N GLY B 273 13.73 25.28 8.51
CA GLY B 273 12.95 26.07 9.49
C GLY B 273 13.72 27.37 9.84
N TYR B 274 15.00 27.26 10.09
CA TYR B 274 15.80 28.45 10.42
C TYR B 274 15.82 29.45 9.28
N ALA B 275 15.99 29.00 8.04
CA ALA B 275 15.94 29.91 6.87
C ALA B 275 14.57 30.58 6.76
N GLY B 276 13.50 29.83 6.90
CA GLY B 276 12.17 30.38 6.88
C GLY B 276 11.94 31.42 7.93
N MET B 277 12.40 31.13 9.15
CA MET B 277 12.28 32.10 10.22
C MET B 277 13.11 33.36 9.96
N LEU B 278 14.32 33.22 9.51
CA LEU B 278 15.17 34.43 9.30
C LEU B 278 14.56 35.31 8.19
N ALA B 279 13.86 34.69 7.25
CA ALA B 279 13.20 35.45 6.15
C ALA B 279 11.90 36.11 6.58
N ALA B 280 11.38 35.76 7.75
CA ALA B 280 10.08 36.23 8.10
C ALA B 280 10.14 37.70 8.61
N PRO B 281 9.21 38.55 8.10
CA PRO B 281 9.34 39.95 8.47
C PRO B 281 8.99 40.21 9.92
N ASN B 282 8.26 39.30 10.56
CA ASN B 282 7.97 39.32 11.98
C ASN B 282 8.95 38.47 12.92
N LEU B 283 10.13 38.17 12.41
CA LEU B 283 11.21 37.56 13.21
C LEU B 283 11.34 38.32 14.52
N PRO B 284 11.18 37.65 15.68
CA PRO B 284 11.36 38.38 16.97
C PRO B 284 12.74 38.95 17.17
N SER B 285 12.80 40.02 17.98
CA SER B 285 14.07 40.57 18.31
C SER B 285 14.66 39.80 19.47
N ARG B 286 15.95 39.99 19.66
CA ARG B 286 16.69 39.32 20.74
C ARG B 286 16.05 39.53 22.10
N ASP B 287 15.56 40.73 22.41
CA ASP B 287 15.09 41.04 23.77
C ASP B 287 13.72 40.49 24.06
N GLN B 288 13.10 39.84 23.07
CA GLN B 288 11.81 39.24 23.23
C GLN B 288 11.81 37.73 23.52
N VAL B 289 12.97 37.09 23.32
CA VAL B 289 13.09 35.62 23.49
C VAL B 289 14.02 35.29 24.65
N ALA B 290 13.92 34.05 25.12
CA ALA B 290 14.73 33.55 26.24
C ALA B 290 15.69 32.50 25.74
N LEU B 291 15.79 32.36 24.43
CA LEU B 291 16.70 31.38 23.84
C LEU B 291 18.16 31.50 24.35
N ARG B 292 18.74 30.39 24.81
CA ARG B 292 20.17 30.33 25.07
C ARG B 292 20.97 29.36 24.16
N LEU B 293 20.22 28.53 23.41
CA LEU B 293 20.84 27.47 22.66
C LEU B 293 19.93 27.11 21.49
N ALA B 294 20.51 27.03 20.32
CA ALA B 294 19.75 26.71 19.11
C ALA B 294 20.48 25.54 18.46
N SER B 295 19.80 24.39 18.40
CA SER B 295 20.31 23.11 17.78
C SER B 295 19.72 22.94 16.40
N SER B 296 20.49 22.39 15.50
CA SER B 296 20.03 22.13 14.17
C SER B 296 20.44 20.71 13.76
N ALA B 297 19.56 20.00 13.11
CA ALA B 297 19.87 18.76 12.42
C ALA B 297 18.82 18.50 11.38
N GLY B 298 19.12 17.63 10.42
CA GLY B 298 18.09 17.21 9.46
C GLY B 298 18.61 17.42 8.05
N GLU B 299 19.60 18.27 7.88
CA GLU B 299 20.27 18.54 6.66
C GLU B 299 21.49 19.42 6.99
N ALA B 300 22.42 19.50 6.05
CA ALA B 300 23.62 20.34 6.27
C ALA B 300 23.19 21.79 6.41
N LEU B 301 23.70 22.45 7.44
CA LEU B 301 23.37 23.86 7.67
C LEU B 301 24.24 24.75 6.73
N PRO B 302 23.62 25.48 5.81
CA PRO B 302 24.44 26.48 5.07
C PRO B 302 25.05 27.50 6.04
N ALA B 303 26.33 27.80 5.82
CA ALA B 303 27.06 28.81 6.63
C ALA B 303 26.31 30.10 6.77
N GLU B 304 25.77 30.56 5.67
CA GLU B 304 25.07 31.82 5.69
C GLU B 304 23.89 31.86 6.64
N ILE B 305 23.18 30.72 6.77
CA ILE B 305 22.05 30.68 7.68
C ILE B 305 22.54 30.83 9.14
N GLY B 306 23.55 30.10 9.51
CA GLY B 306 24.06 30.22 10.88
C GLY B 306 24.62 31.60 11.17
N GLN B 307 25.38 32.13 10.22
CA GLN B 307 25.96 33.49 10.33
C GLN B 307 24.89 34.51 10.51
N ARG B 308 23.83 34.48 9.69
CA ARG B 308 22.69 35.40 9.85
C ARG B 308 21.95 35.27 11.14
N PHE B 309 21.72 34.04 11.61
CA PHE B 309 21.09 33.82 12.92
C PHE B 309 21.95 34.43 14.02
N GLN B 310 23.27 34.21 13.94
CA GLN B 310 24.18 34.74 14.95
C GLN B 310 24.14 36.30 14.95
N ARG B 311 24.18 36.90 13.76
CA ARG B 311 24.09 38.37 13.63
C ARG B 311 22.84 38.88 14.28
N HIS B 312 21.73 38.19 14.08
CA HIS B 312 20.48 38.67 14.57
C HIS B 312 20.26 38.43 16.04
N PHE B 313 20.56 37.22 16.51
CA PHE B 313 20.22 36.84 17.87
C PHE B 313 21.39 36.83 18.85
N GLY B 314 22.60 36.93 18.35
CA GLY B 314 23.79 36.70 19.17
C GLY B 314 23.91 35.29 19.66
N LEU B 315 23.27 34.33 18.97
CA LEU B 315 23.34 32.92 19.29
C LEU B 315 23.80 32.25 18.04
N ASP B 316 24.73 31.29 18.17
CA ASP B 316 25.07 30.41 17.06
C ASP B 316 24.00 29.30 16.91
N ILE B 317 23.95 28.73 15.71
CA ILE B 317 23.13 27.53 15.51
C ILE B 317 24.18 26.40 15.62
N VAL B 318 23.90 25.43 16.49
CA VAL B 318 24.75 24.29 16.68
C VAL B 318 24.31 23.08 15.82
N ASP B 319 24.99 22.88 14.68
CA ASP B 319 24.67 21.88 13.68
C ASP B 319 25.35 20.56 14.03
N GLY B 320 24.57 19.51 14.21
CA GLY B 320 25.06 18.16 14.29
C GLY B 320 24.38 17.14 13.39
N ILE B 321 24.96 15.96 13.28
CA ILE B 321 24.34 14.87 12.47
C ILE B 321 24.23 13.59 13.29
N GLY B 322 23.04 13.01 13.20
CA GLY B 322 22.75 11.71 13.76
C GLY B 322 22.21 10.80 12.68
N SER B 323 21.68 9.65 13.10
CA SER B 323 20.92 8.84 12.14
C SER B 323 19.88 8.10 12.98
N THR B 324 18.88 7.55 12.27
CA THR B 324 17.90 6.77 12.97
C THR B 324 18.50 5.55 13.70
N GLU B 325 19.45 4.94 12.99
CA GLU B 325 20.14 3.73 13.46
C GLU B 325 21.05 4.05 14.66
N MET B 326 21.67 5.21 14.71
CA MET B 326 22.51 5.59 15.87
C MET B 326 21.72 6.35 16.97
N LEU B 327 20.44 6.61 16.71
CA LEU B 327 19.45 7.19 17.65
C LEU B 327 19.55 8.71 17.86
N HIS B 328 20.76 9.26 17.95
CA HIS B 328 20.93 10.68 17.98
C HIS B 328 22.30 11.10 17.44
N ILE B 329 22.68 12.31 17.76
CA ILE B 329 23.83 12.97 17.09
C ILE B 329 25.16 12.37 17.57
N PHE B 330 26.04 12.10 16.60
CA PHE B 330 27.35 11.53 16.89
C PHE B 330 28.49 12.38 16.36
N LEU B 331 28.18 13.44 15.61
CA LEU B 331 29.20 14.33 15.03
C LEU B 331 28.57 15.72 15.08
N SER B 332 29.22 16.66 15.79
CA SER B 332 28.51 17.91 16.15
C SER B 332 29.43 19.08 16.46
N ASN B 333 29.01 20.24 16.02
CA ASN B 333 29.51 21.45 16.64
C ASN B 333 29.15 21.51 18.11
N LEU B 334 29.79 22.43 18.83
N LEU B 334 29.84 22.38 18.84
CA LEU B 334 29.63 22.55 20.26
CA LEU B 334 29.63 22.55 20.27
C LEU B 334 28.99 23.88 20.52
C LEU B 334 28.96 23.88 20.51
N PRO B 335 28.26 24.02 21.63
CA PRO B 335 27.62 25.31 21.96
C PRO B 335 28.61 26.48 21.91
N ASP B 336 29.84 26.22 22.33
CA ASP B 336 30.86 27.29 22.29
C ASP B 336 31.97 27.09 21.30
N ARG B 337 31.79 26.16 20.38
CA ARG B 337 32.74 26.01 19.27
C ARG B 337 32.00 25.57 18.04
N VAL B 338 31.70 26.54 17.20
CA VAL B 338 30.99 26.34 15.98
C VAL B 338 31.88 26.69 14.82
N ARG B 339 31.95 25.79 13.85
CA ARG B 339 32.58 26.07 12.59
C ARG B 339 31.61 25.89 11.45
N TYR B 340 31.06 27.00 10.97
CA TYR B 340 30.09 26.94 9.89
C TYR B 340 30.74 26.42 8.62
N GLY B 341 29.92 25.70 7.87
CA GLY B 341 30.41 24.86 6.77
C GLY B 341 30.90 23.49 7.18
N THR B 342 30.80 23.14 8.47
CA THR B 342 31.17 21.81 8.85
C THR B 342 30.13 21.35 9.86
N THR B 343 30.14 20.05 10.12
CA THR B 343 29.30 19.47 11.16
C THR B 343 30.13 19.23 12.43
N GLY B 344 31.23 19.96 12.57
CA GLY B 344 31.99 19.85 13.80
C GLY B 344 32.77 18.57 13.94
N TRP B 345 32.81 18.07 15.19
CA TRP B 345 33.76 17.05 15.65
C TRP B 345 33.04 15.86 16.25
N PRO B 346 33.68 14.70 16.32
CA PRO B 346 32.99 13.55 16.93
C PRO B 346 32.57 13.80 18.31
N VAL B 347 31.38 13.32 18.66
CA VAL B 347 30.87 13.41 20.00
C VAL B 347 31.63 12.40 20.90
N PRO B 348 32.17 12.89 22.04
CA PRO B 348 32.92 11.95 22.82
C PRO B 348 32.05 10.72 23.22
N GLY B 349 32.62 9.51 23.08
CA GLY B 349 31.86 8.25 23.24
C GLY B 349 31.51 7.59 21.93
N TYR B 350 31.62 8.31 20.82
CA TYR B 350 31.48 7.78 19.50
C TYR B 350 32.79 7.90 18.70
N GLN B 351 33.09 6.84 17.96
CA GLN B 351 34.22 6.83 17.08
C GLN B 351 33.71 6.89 15.69
N ILE B 352 34.33 7.70 14.86
CA ILE B 352 33.93 7.76 13.48
C ILE B 352 35.07 7.41 12.49
N GLU B 353 34.74 6.80 11.35
CA GLU B 353 35.71 6.38 10.33
C GLU B 353 35.19 6.79 9.00
N LEU B 354 36.07 7.20 8.10
CA LEU B 354 35.70 7.35 6.74
C LEU B 354 36.31 6.19 5.92
N ARG B 355 35.54 5.63 4.99
CA ARG B 355 36.05 4.47 4.19
C ARG B 355 35.88 4.74 2.72
N GLY B 356 36.92 4.52 1.91
CA GLY B 356 36.84 4.70 0.48
C GLY B 356 36.39 3.39 -0.17
N ASP B 357 36.36 3.35 -1.50
CA ASP B 357 35.76 2.19 -2.27
C ASP B 357 36.27 0.78 -1.88
N GLY B 358 37.55 0.63 -1.50
CA GLY B 358 38.03 -0.67 -1.00
C GLY B 358 37.74 -1.00 0.46
N GLY B 359 37.16 -0.05 1.19
CA GLY B 359 36.98 -0.22 2.60
C GLY B 359 38.13 0.37 3.37
N GLY B 360 39.13 0.86 2.66
CA GLY B 360 40.29 1.47 3.33
C GLY B 360 40.08 2.92 3.73
N PRO B 361 41.07 3.53 4.40
CA PRO B 361 40.98 4.90 4.88
C PRO B 361 41.17 5.85 3.75
N VAL B 362 40.87 7.14 3.96
CA VAL B 362 40.91 8.13 2.88
C VAL B 362 41.71 9.24 3.45
N ALA B 363 42.39 10.02 2.59
CA ALA B 363 43.16 11.20 2.98
C ALA B 363 42.27 12.32 3.45
N ASP B 364 42.78 13.11 4.37
CA ASP B 364 42.11 14.34 4.77
C ASP B 364 41.86 15.22 3.58
N GLY B 365 40.65 15.74 3.48
CA GLY B 365 40.26 16.54 2.33
C GLY B 365 39.58 15.73 1.28
N GLU B 366 39.62 14.40 1.33
CA GLU B 366 38.92 13.56 0.37
C GLU B 366 37.68 12.83 0.94
N PRO B 367 36.68 12.64 0.13
CA PRO B 367 35.46 12.08 0.74
C PRO B 367 35.59 10.59 0.98
N GLY B 368 34.98 10.12 2.06
CA GLY B 368 34.75 8.73 2.28
C GLY B 368 33.36 8.48 2.87
N ASP B 369 33.00 7.21 2.92
CA ASP B 369 31.71 6.74 3.49
C ASP B 369 31.81 6.74 4.99
N LEU B 370 30.82 7.32 5.67
CA LEU B 370 30.90 7.48 7.10
C LEU B 370 30.36 6.24 7.83
N TYR B 371 31.15 5.74 8.79
CA TYR B 371 30.79 4.68 9.68
C TYR B 371 30.97 5.15 11.13
N ILE B 372 30.07 4.71 12.01
CA ILE B 372 30.06 5.07 13.40
C ILE B 372 30.13 3.88 14.33
N HIS B 373 30.97 4.01 15.35
CA HIS B 373 31.02 3.03 16.42
C HIS B 373 30.68 3.73 17.72
N GLY B 374 29.54 3.39 18.31
CA GLY B 374 29.16 3.99 19.54
C GLY B 374 28.07 3.21 20.22
N PRO B 375 27.73 3.55 21.47
CA PRO B 375 26.94 2.71 22.33
C PRO B 375 25.43 2.73 22.14
N SER B 376 24.96 3.59 21.25
CA SER B 376 23.52 3.82 21.00
C SER B 376 23.04 3.20 19.68
N SER B 377 23.85 2.34 19.08
CA SER B 377 23.46 1.73 17.82
C SER B 377 22.27 0.76 18.03
N ALA B 378 21.35 0.81 17.05
CA ALA B 378 20.26 -0.17 16.95
C ALA B 378 20.95 -1.52 16.73
N THR B 379 20.20 -2.59 17.03
CA THR B 379 20.70 -3.94 16.92
C THR B 379 20.51 -4.57 15.53
N MET B 380 19.48 -4.12 14.84
CA MET B 380 19.11 -4.76 13.52
C MET B 380 17.98 -3.95 12.95
N TYR B 381 17.67 -4.28 11.69
CA TYR B 381 16.40 -4.03 11.09
C TYR B 381 15.53 -5.30 11.22
N TRP B 382 14.40 -5.15 11.87
CA TRP B 382 13.56 -6.31 12.20
C TRP B 382 13.09 -6.96 10.91
N GLY B 383 13.36 -8.26 10.84
CA GLY B 383 12.98 -9.06 9.72
C GLY B 383 13.63 -8.77 8.38
N ASN B 384 14.77 -8.07 8.36
CA ASN B 384 15.51 -7.82 7.16
C ASN B 384 16.98 -8.11 7.41
N ARG B 385 17.33 -9.37 7.23
CA ARG B 385 18.67 -9.86 7.55
C ARG B 385 19.72 -9.29 6.59
N ALA B 386 19.37 -9.12 5.33
CA ALA B 386 20.29 -8.70 4.31
C ALA B 386 20.69 -7.25 4.49
N LYS B 387 19.70 -6.38 4.72
CA LYS B 387 20.00 -4.99 4.97
C LYS B 387 20.64 -4.80 6.35
N SER B 388 20.29 -5.62 7.32
CA SER B 388 20.95 -5.55 8.62
C SER B 388 22.45 -5.79 8.48
N ARG B 389 22.81 -6.78 7.68
CA ARG B 389 24.23 -7.13 7.52
C ARG B 389 24.97 -6.05 6.79
N ASP B 390 24.29 -5.34 5.94
CA ASP B 390 24.91 -4.28 5.21
C ASP B 390 25.09 -2.97 6.00
N THR B 391 24.25 -2.77 7.00
CA THR B 391 24.34 -1.53 7.80
C THR B 391 25.14 -1.76 9.07
N PHE B 392 24.87 -2.86 9.79
CA PHE B 392 25.45 -3.19 11.11
C PHE B 392 26.59 -4.18 10.86
N GLN B 393 27.78 -3.63 10.62
CA GLN B 393 28.97 -4.40 10.20
C GLN B 393 29.90 -4.50 11.41
N GLY B 394 29.70 -5.48 12.27
CA GLY B 394 30.70 -5.79 13.29
C GLY B 394 31.14 -4.69 14.26
N GLY B 395 30.18 -4.03 14.87
CA GLY B 395 30.43 -2.93 15.75
C GLY B 395 30.32 -1.54 15.08
N TRP B 396 30.45 -1.49 13.76
CA TRP B 396 30.40 -0.28 12.99
C TRP B 396 29.03 -0.20 12.29
N THR B 397 28.44 0.99 12.34
CA THR B 397 27.16 1.23 11.69
C THR B 397 27.34 2.20 10.56
N LYS B 398 26.92 1.79 9.37
CA LYS B 398 27.05 2.59 8.16
C LYS B 398 25.96 3.69 8.14
N SER B 399 26.30 4.95 7.87
CA SER B 399 25.23 5.99 7.92
C SER B 399 24.55 6.24 6.60
N GLY B 400 25.24 5.95 5.53
CA GLY B 400 24.71 6.36 4.22
C GLY B 400 25.21 7.73 3.81
N ASP B 401 25.97 8.40 4.69
CA ASP B 401 26.55 9.67 4.35
C ASP B 401 28.01 9.53 3.83
N LYS B 402 28.47 10.53 3.09
CA LYS B 402 29.87 10.69 2.79
C LYS B 402 30.33 12.00 3.42
N TYR B 403 31.58 12.02 3.90
CA TYR B 403 32.14 13.12 4.59
C TYR B 403 33.63 13.29 4.22
N VAL B 404 34.09 14.51 4.42
CA VAL B 404 35.53 14.90 4.41
C VAL B 404 35.98 15.36 5.78
N ARG B 405 37.15 14.88 6.23
CA ARG B 405 37.76 15.35 7.44
C ARG B 405 38.76 16.47 7.10
N ASN B 406 38.60 17.58 7.78
CA ASN B 406 39.37 18.81 7.55
C ASN B 406 40.58 18.79 8.48
N ASP B 407 41.48 19.73 8.24
CA ASP B 407 42.76 19.75 8.97
C ASP B 407 42.61 20.01 10.42
N ASP B 408 41.55 20.67 10.86
CA ASP B 408 41.32 20.86 12.31
C ASP B 408 40.51 19.74 12.98
N GLY B 409 40.35 18.63 12.28
CA GLY B 409 39.59 17.48 12.77
C GLY B 409 38.06 17.60 12.66
N SER B 410 37.58 18.71 12.11
CA SER B 410 36.15 18.90 11.80
C SER B 410 35.82 18.12 10.55
N TYR B 411 34.51 17.92 10.32
CA TYR B 411 34.01 17.04 9.25
C TYR B 411 32.98 17.79 8.45
N THR B 412 33.10 17.73 7.15
CA THR B 412 32.21 18.45 6.20
C THR B 412 31.47 17.46 5.32
N TYR B 413 30.15 17.67 5.22
CA TYR B 413 29.32 16.77 4.53
C TYR B 413 29.60 16.77 3.02
N ALA B 414 29.60 15.56 2.46
CA ALA B 414 29.93 15.39 1.03
C ALA B 414 28.90 14.58 0.25
N GLY B 415 27.67 14.40 0.75
CA GLY B 415 26.62 13.70 -0.01
C GLY B 415 26.25 12.34 0.56
N ARG B 416 25.45 11.58 -0.22
CA ARG B 416 24.93 10.30 0.22
C ARG B 416 25.50 9.14 -0.58
N THR B 417 25.53 7.97 0.02
CA THR B 417 25.89 6.75 -0.70
C THR B 417 24.69 6.11 -1.38
N ASP B 418 23.48 6.53 -0.99
CA ASP B 418 22.24 5.83 -1.37
C ASP B 418 21.22 6.67 -2.15
N ASP B 419 21.65 7.75 -2.78
CA ASP B 419 20.77 8.62 -3.56
C ASP B 419 19.58 9.28 -2.82
N MET B 420 19.47 9.06 -1.51
CA MET B 420 18.42 9.71 -0.71
C MET B 420 18.57 11.18 -0.69
N LEU B 421 17.44 11.87 -0.59
CA LEU B 421 17.35 13.31 -0.36
C LEU B 421 17.00 13.57 1.08
N LYS B 422 17.61 14.59 1.66
CA LYS B 422 17.22 15.02 3.02
C LYS B 422 16.49 16.35 2.91
N VAL B 423 15.17 16.28 2.99
CA VAL B 423 14.30 17.42 2.71
C VAL B 423 13.79 17.85 4.07
N SER B 424 14.54 18.76 4.72
CA SER B 424 14.18 19.26 6.02
C SER B 424 14.00 18.27 7.16
N GLY B 425 14.97 17.37 7.30
CA GLY B 425 14.98 16.39 8.37
C GLY B 425 14.45 15.05 8.03
N ILE B 426 13.75 15.03 6.86
CA ILE B 426 13.06 13.86 6.43
C ILE B 426 13.77 13.33 5.23
N TYR B 427 14.25 12.13 5.39
CA TYR B 427 14.87 11.38 4.32
C TYR B 427 13.82 10.93 3.33
N VAL B 428 13.99 11.32 2.07
CA VAL B 428 13.06 11.02 0.99
C VAL B 428 13.76 10.39 -0.20
N SER B 429 13.13 9.35 -0.74
CA SER B 429 13.63 8.71 -1.93
C SER B 429 13.20 9.37 -3.20
N PRO B 430 14.15 9.78 -4.07
CA PRO B 430 13.74 10.40 -5.31
C PRO B 430 13.09 9.35 -6.24
N PHE B 431 13.41 8.07 -6.05
CA PHE B 431 12.89 6.98 -6.88
C PHE B 431 11.40 6.78 -6.57
N GLU B 432 11.01 6.94 -5.32
CA GLU B 432 9.59 6.92 -4.97
C GLU B 432 8.81 8.03 -5.63
N ILE B 433 9.41 9.22 -5.63
CA ILE B 433 8.75 10.36 -6.28
C ILE B 433 8.59 10.14 -7.77
N GLU B 434 9.65 9.70 -8.44
CA GLU B 434 9.56 9.61 -9.85
C GLU B 434 8.64 8.46 -10.33
N ALA B 435 8.64 7.34 -9.59
CA ALA B 435 7.82 6.18 -9.97
C ALA B 435 6.35 6.53 -9.85
N THR B 436 6.05 7.39 -8.91
CA THR B 436 4.74 8.02 -8.83
C THR B 436 4.38 8.99 -9.92
N LEU B 437 5.27 9.90 -10.27
CA LEU B 437 4.98 10.83 -11.35
C LEU B 437 4.69 10.17 -12.68
N VAL B 438 5.40 9.07 -12.99
CA VAL B 438 5.20 8.39 -14.22
C VAL B 438 3.80 7.76 -14.31
N GLN B 439 3.07 7.68 -13.21
CA GLN B 439 1.73 7.11 -13.34
C GLN B 439 0.77 8.15 -13.92
N HIS B 440 1.14 9.42 -13.92
CA HIS B 440 0.36 10.45 -14.56
C HIS B 440 0.22 10.20 -16.07
N PRO B 441 -1.04 10.12 -16.57
CA PRO B 441 -1.26 9.69 -17.96
C PRO B 441 -0.56 10.55 -19.03
N GLY B 442 -0.30 11.81 -18.70
CA GLY B 442 0.44 12.69 -19.59
C GLY B 442 1.96 12.63 -19.58
N VAL B 443 2.52 11.89 -18.61
CA VAL B 443 3.97 11.84 -18.42
C VAL B 443 4.55 10.65 -19.18
N LEU B 444 5.59 10.84 -19.98
CA LEU B 444 6.29 9.74 -20.68
C LEU B 444 7.44 9.15 -19.82
N GLU B 445 8.24 10.06 -19.26
CA GLU B 445 9.34 9.66 -18.38
C GLU B 445 9.57 10.74 -17.38
N ALA B 446 10.16 10.39 -16.24
CA ALA B 446 10.43 11.42 -15.23
C ALA B 446 11.66 10.99 -14.43
N ALA B 447 12.46 11.98 -14.01
CA ALA B 447 13.57 11.75 -13.12
C ALA B 447 13.53 12.83 -12.07
N VAL B 448 13.84 12.47 -10.86
CA VAL B 448 13.87 13.41 -9.72
C VAL B 448 15.23 13.41 -9.11
N VAL B 449 15.75 14.62 -8.92
CA VAL B 449 17.05 14.82 -8.25
C VAL B 449 16.90 15.88 -7.18
N GLY B 450 17.90 15.93 -6.28
CA GLY B 450 17.96 16.97 -5.27
C GLY B 450 18.72 18.18 -5.81
N VAL B 451 18.07 19.35 -5.73
CA VAL B 451 18.69 20.63 -6.17
C VAL B 451 18.51 21.65 -5.05
N ALA B 452 19.55 22.45 -4.86
CA ALA B 452 19.53 23.53 -3.87
C ALA B 452 18.53 24.61 -4.20
N ASP B 453 17.71 25.03 -3.20
CA ASP B 453 16.90 26.22 -3.37
C ASP B 453 17.69 27.52 -3.17
N GLU B 454 16.96 28.64 -3.07
CA GLU B 454 17.60 29.95 -2.94
C GLU B 454 18.33 30.15 -1.60
N HIS B 455 18.13 29.26 -0.63
CA HIS B 455 18.85 29.26 0.62
C HIS B 455 19.98 28.24 0.67
N GLY B 456 20.14 27.45 -0.40
CA GLY B 456 21.15 26.42 -0.47
C GLY B 456 20.73 25.07 0.11
N LEU B 457 19.42 24.89 0.30
CA LEU B 457 18.81 23.71 0.91
C LEU B 457 18.16 22.84 -0.16
N THR B 458 18.52 21.56 -0.10
CA THR B 458 18.11 20.61 -1.15
C THR B 458 16.63 20.32 -1.13
N LYS B 459 16.01 20.38 -2.31
CA LYS B 459 14.59 20.03 -2.48
C LYS B 459 14.48 19.17 -3.73
N PRO B 460 13.45 18.32 -3.78
CA PRO B 460 13.32 17.47 -4.94
C PRO B 460 12.93 18.35 -6.12
N LYS B 461 13.54 18.01 -7.25
CA LYS B 461 13.27 18.69 -8.48
C LYS B 461 12.99 17.65 -9.59
N ALA B 462 11.89 17.78 -10.35
CA ALA B 462 11.54 16.79 -11.30
C ALA B 462 11.88 17.28 -12.71
N TYR B 463 12.37 16.36 -13.52
CA TYR B 463 12.60 16.58 -14.95
C TYR B 463 11.66 15.58 -15.68
N VAL B 464 10.72 16.11 -16.47
CA VAL B 464 9.60 15.32 -16.99
C VAL B 464 9.59 15.47 -18.50
N VAL B 465 9.51 14.34 -19.17
CA VAL B 465 9.24 14.25 -20.65
C VAL B 465 7.73 14.07 -20.82
N PRO B 466 7.02 15.10 -21.32
CA PRO B 466 5.61 14.85 -21.58
C PRO B 466 5.38 13.89 -22.76
N ARG B 467 4.27 13.19 -22.69
CA ARG B 467 3.78 12.40 -23.83
C ARG B 467 3.37 13.42 -24.93
N PRO B 468 3.73 13.14 -26.20
CA PRO B 468 3.42 13.96 -27.38
C PRO B 468 2.02 14.60 -27.45
N GLY B 469 0.97 13.90 -27.08
CA GLY B 469 -0.36 14.54 -27.03
C GLY B 469 -0.51 15.78 -26.14
N GLN B 470 0.15 15.76 -24.98
CA GLN B 470 -0.28 16.50 -23.78
C GLN B 470 0.62 17.67 -23.41
N THR B 471 0.13 18.63 -22.64
CA THR B 471 0.96 19.81 -22.38
C THR B 471 1.60 19.90 -20.97
N LEU B 472 0.78 19.69 -19.93
CA LEU B 472 1.19 19.57 -18.50
C LEU B 472 1.49 20.82 -17.66
N SER B 473 1.06 20.86 -16.40
CA SER B 473 1.46 21.95 -15.49
C SER B 473 2.18 21.48 -14.23
N GLU B 474 3.18 22.27 -13.82
CA GLU B 474 3.86 22.09 -12.55
C GLU B 474 2.94 21.76 -11.39
N THR B 475 1.89 22.55 -11.18
CA THR B 475 1.17 22.45 -9.91
C THR B 475 0.25 21.21 -9.96
N GLU B 476 -0.32 20.93 -11.13
CA GLU B 476 -1.05 19.68 -11.36
C GLU B 476 -0.23 18.43 -10.87
N LEU B 477 1.04 18.40 -11.24
CA LEU B 477 1.92 17.31 -10.79
C LEU B 477 2.33 17.37 -9.32
N LYS B 478 2.41 18.57 -8.73
CA LYS B 478 2.63 18.71 -7.31
C LYS B 478 1.45 18.05 -6.59
N THR B 479 0.21 18.38 -6.99
CA THR B 479 -0.93 17.83 -6.27
C THR B 479 -1.02 16.29 -6.56
N PHE B 480 -0.65 15.87 -7.78
CA PHE B 480 -0.76 14.45 -8.16
C PHE B 480 0.11 13.67 -7.12
N ILE B 481 1.26 14.23 -6.76
CA ILE B 481 2.13 13.60 -5.73
C ILE B 481 1.53 13.71 -4.32
N LYS B 482 1.02 14.88 -3.95
CA LYS B 482 0.45 15.09 -2.65
C LYS B 482 -0.77 14.21 -2.47
N ASP B 483 -1.44 13.83 -3.56
CA ASP B 483 -2.61 12.98 -3.39
C ASP B 483 -2.25 11.50 -3.22
N ARG B 484 -0.97 11.13 -3.41
CA ARG B 484 -0.63 9.73 -3.47
C ARG B 484 0.43 9.30 -2.45
N LEU B 485 1.35 10.23 -2.13
CA LEU B 485 2.43 10.00 -1.20
C LEU B 485 2.29 10.95 -0.01
N ALA B 486 3.13 10.75 1.01
CA ALA B 486 3.21 11.74 2.07
C ALA B 486 3.43 13.14 1.39
N PRO B 487 2.73 14.16 1.87
CA PRO B 487 2.69 15.43 1.08
C PRO B 487 4.01 16.21 0.98
N TYR B 488 4.93 16.04 1.91
CA TYR B 488 6.23 16.81 1.79
C TYR B 488 7.20 16.21 0.71
N LYS B 489 6.77 15.13 0.07
CA LYS B 489 7.55 14.49 -0.98
C LYS B 489 7.35 15.20 -2.36
N TYR B 490 6.65 16.33 -2.41
CA TYR B 490 6.27 16.87 -3.73
C TYR B 490 7.53 17.55 -4.36
N PRO B 491 7.70 17.45 -5.67
CA PRO B 491 8.77 18.21 -6.32
C PRO B 491 8.53 19.68 -6.24
N ARG B 492 9.52 20.42 -5.81
CA ARG B 492 9.41 21.86 -5.68
C ARG B 492 9.38 22.62 -6.99
N SER B 493 9.91 22.03 -8.04
CA SER B 493 9.68 22.55 -9.37
C SER B 493 9.79 21.39 -10.29
N THR B 494 9.24 21.58 -11.49
CA THR B 494 9.29 20.58 -12.54
C THR B 494 9.75 21.28 -13.77
N VAL B 495 10.78 20.73 -14.39
CA VAL B 495 11.28 21.17 -15.70
C VAL B 495 10.76 20.18 -16.74
N PHE B 496 10.03 20.72 -17.75
CA PHE B 496 9.55 19.90 -18.88
C PHE B 496 10.55 19.87 -19.99
N VAL B 497 11.04 18.68 -20.30
CA VAL B 497 12.11 18.48 -21.29
C VAL B 497 11.69 17.51 -22.39
N ALA B 498 12.41 17.56 -23.50
CA ALA B 498 12.11 16.69 -24.65
C ALA B 498 12.73 15.33 -24.48
N GLU B 499 13.85 15.25 -23.79
CA GLU B 499 14.48 13.95 -23.52
C GLU B 499 15.43 14.05 -22.34
N LEU B 500 15.60 12.95 -21.66
CA LEU B 500 16.47 12.90 -20.51
C LEU B 500 17.80 12.40 -20.97
N PRO B 501 18.84 12.93 -20.38
CA PRO B 501 20.19 12.42 -20.73
C PRO B 501 20.39 11.00 -20.22
N LYS B 502 20.91 10.12 -21.08
CA LYS B 502 21.03 8.71 -20.71
C LYS B 502 22.33 8.11 -21.14
N THR B 503 22.76 7.06 -20.44
CA THR B 503 23.92 6.30 -20.87
C THR B 503 23.52 5.45 -22.09
N ALA B 504 24.48 4.72 -22.66
CA ALA B 504 24.21 3.80 -23.81
C ALA B 504 23.27 2.67 -23.38
N THR B 505 23.33 2.32 -22.11
CA THR B 505 22.50 1.29 -21.48
C THR B 505 21.02 1.71 -21.25
N GLY B 506 20.74 3.01 -21.42
CA GLY B 506 19.43 3.57 -21.16
C GLY B 506 19.26 4.08 -19.74
N LYS B 507 20.35 4.08 -18.95
CA LYS B 507 20.37 4.59 -17.57
C LYS B 507 20.32 6.12 -17.57
N ILE B 508 19.44 6.69 -16.77
CA ILE B 508 19.38 8.15 -16.69
C ILE B 508 20.65 8.71 -16.03
N GLN B 509 21.21 9.75 -16.66
CA GLN B 509 22.36 10.41 -16.14
C GLN B 509 21.95 11.44 -15.13
N ARG B 510 21.58 10.94 -13.95
CA ARG B 510 21.04 11.84 -12.93
C ARG B 510 22.00 12.98 -12.51
N PHE B 511 23.27 12.66 -12.48
CA PHE B 511 24.29 13.66 -12.18
C PHE B 511 24.18 14.89 -13.09
N LYS B 512 23.88 14.71 -14.38
CA LYS B 512 23.70 15.84 -15.27
C LYS B 512 22.55 16.75 -14.88
N LEU B 513 21.46 16.11 -14.43
CA LEU B 513 20.28 16.86 -14.08
C LEU B 513 20.63 17.70 -12.86
N ARG B 514 21.30 17.09 -11.91
CA ARG B 514 21.64 17.75 -10.65
C ARG B 514 22.57 18.92 -10.96
N GLU B 515 23.48 18.68 -11.88
CA GLU B 515 24.52 19.70 -12.28
C GLU B 515 23.97 20.86 -13.10
N GLY B 516 22.72 20.77 -13.52
CA GLY B 516 21.99 21.89 -14.08
C GLY B 516 22.02 21.97 -15.61
N VAL B 517 22.48 20.92 -16.26
CA VAL B 517 22.60 20.91 -17.73
C VAL B 517 21.32 21.24 -18.52
N LEU B 518 20.15 20.82 -18.00
CA LEU B 518 18.83 21.11 -18.61
C LEU B 518 18.07 22.20 -17.87
N GLY B 519 18.78 22.90 -17.01
CA GLY B 519 18.21 23.86 -16.12
C GLY B 519 17.48 23.23 -14.94
#